data_1MY1
#
_entry.id   1MY1
#
_cell.length_a   114.402
_cell.length_b   164.552
_cell.length_c   47.363
_cell.angle_alpha   90.00
_cell.angle_beta   90.00
_cell.angle_gamma   90.00
#
_symmetry.space_group_name_H-M   'P 21 21 2'
#
loop_
_entity.id
_entity.type
_entity.pdbx_description
1 polymer 'GLUTAMATE RECEPTOR 2'
2 non-polymer 'ZINC ION'
3 water water
#
_entity_poly.entity_id   1
_entity_poly.type   'polypeptide(L)'
_entity_poly.pdbx_seq_one_letter_code
;GANKTVVVTTILESPYVMMKKNHEMLEGNERYEGYCVDLAAEIAKHCGFKYKLTIVGDGKYGARDADTKIWNGMVGELVY
GKADIAIAPLTITLVREEVIDFSKPFMSLGISIMIKKGTPIESAEDLSKQTEIAYGTLDSGSTKEFFRRSKIAVFDKMWT
YMRSAEPSVFVRTTAEGVARVRKSKGKYAYLLESTMNEYIEQRKPCDTMKVGGNLDSKGYGIATPKGSSLGNAVNLAVLK
LNEQGLLDKLKNKWWYDKGECGS
;
_entity_poly.pdbx_strand_id   A,B,C
#
loop_
_chem_comp.id
_chem_comp.type
_chem_comp.name
_chem_comp.formula
ZN non-polymer 'ZINC ION' 'Zn 2'
#
# COMPACT_ATOMS: atom_id res chain seq x y z
N LYS A 4 22.80 -0.72 -6.87
CA LYS A 4 22.40 -1.35 -5.59
C LYS A 4 21.21 -0.61 -4.99
N THR A 5 21.49 0.55 -4.38
CA THR A 5 20.42 1.35 -3.80
C THR A 5 19.60 2.04 -4.88
N VAL A 6 18.29 1.82 -4.85
CA VAL A 6 17.38 2.40 -5.83
C VAL A 6 17.13 3.89 -5.58
N VAL A 7 17.38 4.72 -6.58
CA VAL A 7 17.16 6.16 -6.44
C VAL A 7 15.69 6.46 -6.77
N VAL A 8 14.94 6.92 -5.76
CA VAL A 8 13.54 7.23 -5.94
C VAL A 8 13.34 8.73 -6.13
N THR A 9 12.73 9.12 -7.24
CA THR A 9 12.48 10.55 -7.43
C THR A 9 11.05 10.80 -6.96
N THR A 10 10.84 11.91 -6.28
CA THR A 10 9.50 12.23 -5.81
C THR A 10 9.36 13.74 -5.80
N ILE A 11 8.22 14.24 -5.32
CA ILE A 11 7.99 15.68 -5.31
C ILE A 11 7.42 16.12 -3.96
N LEU A 12 7.79 17.33 -3.52
CA LEU A 12 7.30 17.85 -2.25
C LEU A 12 5.91 18.38 -2.49
N GLU A 13 4.93 17.53 -2.25
CA GLU A 13 3.52 17.83 -2.46
C GLU A 13 2.76 17.23 -1.29
N SER A 14 2.27 18.07 -0.39
CA SER A 14 1.51 17.56 0.76
C SER A 14 0.19 16.96 0.25
N PRO A 15 -0.26 15.83 0.84
CA PRO A 15 0.34 15.07 1.94
C PRO A 15 1.14 13.88 1.43
N TYR A 16 1.56 13.92 0.18
CA TYR A 16 2.31 12.82 -0.40
C TYR A 16 3.72 12.76 0.18
N VAL A 17 4.45 13.87 0.08
CA VAL A 17 5.79 13.96 0.62
C VAL A 17 5.97 15.35 1.22
N MET A 18 6.41 15.38 2.47
CA MET A 18 6.60 16.63 3.18
C MET A 18 7.82 16.51 4.08
N MET A 19 8.45 17.64 4.39
CA MET A 19 9.60 17.64 5.29
C MET A 19 9.09 17.48 6.71
N LYS A 20 9.73 16.62 7.50
CA LYS A 20 9.33 16.46 8.89
C LYS A 20 9.71 17.76 9.59
N LYS A 21 8.93 18.14 10.59
CA LYS A 21 9.20 19.37 11.34
C LYS A 21 10.64 19.46 11.84
N ASN A 22 11.23 18.32 12.15
CA ASN A 22 12.60 18.25 12.67
C ASN A 22 13.54 17.54 11.71
N HIS A 23 13.30 17.67 10.42
CA HIS A 23 14.12 17.02 9.40
C HIS A 23 15.59 17.44 9.53
N GLU A 24 15.80 18.69 9.95
CA GLU A 24 17.13 19.25 10.10
C GLU A 24 18.04 18.38 10.97
N MET A 25 17.44 17.65 11.91
CA MET A 25 18.21 16.79 12.78
C MET A 25 18.06 15.29 12.46
N LEU A 26 17.58 14.99 11.26
CA LEU A 26 17.39 13.62 10.82
C LEU A 26 18.26 13.35 9.58
N GLU A 27 18.37 12.08 9.20
CA GLU A 27 19.20 11.72 8.05
C GLU A 27 18.47 10.89 6.99
N GLY A 28 18.89 11.08 5.75
CA GLY A 28 18.32 10.34 4.63
C GLY A 28 16.81 10.29 4.53
N ASN A 29 16.28 9.11 4.30
CA ASN A 29 14.84 8.93 4.16
C ASN A 29 14.02 9.36 5.36
N GLU A 30 14.63 9.35 6.53
CA GLU A 30 13.92 9.72 7.76
C GLU A 30 13.53 11.20 7.80
N ARG A 31 14.11 12.00 6.90
CA ARG A 31 13.79 13.42 6.84
C ARG A 31 12.36 13.71 6.33
N TYR A 32 11.77 12.75 5.64
CA TYR A 32 10.45 12.95 5.05
C TYR A 32 9.32 12.10 5.63
N GLU A 33 8.10 12.54 5.37
CA GLU A 33 6.89 11.85 5.81
C GLU A 33 5.75 12.10 4.82
N GLY A 34 4.77 11.21 4.82
CA GLY A 34 3.64 11.38 3.93
C GLY A 34 3.18 10.08 3.30
N TYR A 35 2.09 10.16 2.52
CA TYR A 35 1.54 9.00 1.85
C TYR A 35 2.56 8.26 1.00
N CYS A 36 3.26 8.98 0.13
CA CYS A 36 4.23 8.34 -0.74
C CYS A 36 5.49 7.85 -0.03
N VAL A 37 5.78 8.44 1.13
CA VAL A 37 6.92 8.01 1.92
C VAL A 37 6.55 6.65 2.51
N ASP A 38 5.31 6.55 3.02
CA ASP A 38 4.81 5.30 3.59
C ASP A 38 4.73 4.23 2.48
N LEU A 39 4.26 4.63 1.31
CA LEU A 39 4.14 3.70 0.19
C LEU A 39 5.51 3.23 -0.32
N ALA A 40 6.46 4.15 -0.41
CA ALA A 40 7.81 3.81 -0.87
C ALA A 40 8.43 2.73 0.04
N ALA A 41 8.28 2.89 1.34
CA ALA A 41 8.83 1.93 2.30
C ALA A 41 8.21 0.55 2.10
N GLU A 42 6.92 0.52 1.80
CA GLU A 42 6.23 -0.76 1.59
C GLU A 42 6.63 -1.39 0.26
N ILE A 43 6.66 -0.58 -0.80
CA ILE A 43 7.04 -1.11 -2.10
C ILE A 43 8.43 -1.73 -1.99
N ALA A 44 9.35 -1.01 -1.35
CA ALA A 44 10.72 -1.49 -1.18
C ALA A 44 10.78 -2.80 -0.40
N LYS A 45 10.01 -2.90 0.67
CA LYS A 45 9.96 -4.10 1.49
C LYS A 45 9.51 -5.31 0.66
N HIS A 46 8.41 -5.15 -0.05
CA HIS A 46 7.83 -6.21 -0.86
C HIS A 46 8.61 -6.59 -2.12
N CYS A 47 9.42 -5.66 -2.63
CA CYS A 47 10.19 -5.95 -3.82
C CYS A 47 11.61 -6.33 -3.43
N GLY A 48 11.92 -6.13 -2.15
CA GLY A 48 13.22 -6.46 -1.64
C GLY A 48 14.39 -5.62 -2.10
N PHE A 49 14.30 -4.30 -1.95
CA PHE A 49 15.40 -3.42 -2.34
C PHE A 49 15.56 -2.24 -1.40
N LYS A 50 16.78 -1.73 -1.31
CA LYS A 50 17.06 -0.57 -0.48
C LYS A 50 16.88 0.62 -1.41
N TYR A 51 16.52 1.76 -0.86
CA TYR A 51 16.27 2.94 -1.67
C TYR A 51 16.65 4.26 -1.02
N LYS A 52 16.75 5.28 -1.85
CA LYS A 52 17.09 6.62 -1.40
C LYS A 52 16.10 7.59 -2.02
N LEU A 53 15.36 8.32 -1.18
CA LEU A 53 14.39 9.29 -1.65
C LEU A 53 15.08 10.59 -2.03
N THR A 54 14.73 11.13 -3.20
CA THR A 54 15.31 12.39 -3.66
C THR A 54 14.18 13.24 -4.25
N ILE A 55 14.21 14.55 -4.01
CA ILE A 55 13.18 15.43 -4.53
C ILE A 55 13.57 15.90 -5.92
N VAL A 56 12.66 15.77 -6.88
CA VAL A 56 12.94 16.18 -8.24
C VAL A 56 13.49 17.62 -8.26
N GLY A 57 14.59 17.78 -8.97
CA GLY A 57 15.26 19.08 -9.04
C GLY A 57 14.46 20.29 -9.49
N ASP A 58 13.67 20.17 -10.56
CA ASP A 58 12.92 21.31 -11.03
C ASP A 58 11.53 21.44 -10.43
N GLY A 59 11.20 20.55 -9.49
CA GLY A 59 9.91 20.59 -8.83
C GLY A 59 8.69 20.39 -9.71
N LYS A 60 8.88 19.75 -10.86
CA LYS A 60 7.78 19.53 -11.80
C LYS A 60 7.39 18.05 -11.89
N TYR A 61 6.18 17.78 -12.37
CA TYR A 61 5.72 16.40 -12.52
C TYR A 61 6.30 15.82 -13.82
N GLY A 62 6.10 16.52 -14.93
CA GLY A 62 6.66 16.04 -16.18
C GLY A 62 5.93 16.35 -17.46
N ALA A 63 6.62 17.02 -18.38
CA ALA A 63 6.05 17.37 -19.67
C ALA A 63 7.19 17.50 -20.68
N ARG A 64 6.89 17.32 -21.95
CA ARG A 64 7.92 17.44 -22.99
C ARG A 64 7.85 18.83 -23.60
N ASP A 65 8.99 19.52 -23.63
CA ASP A 65 9.08 20.85 -24.20
C ASP A 65 8.80 20.78 -25.71
N ALA A 66 7.89 21.62 -26.19
CA ALA A 66 7.50 21.64 -27.60
C ALA A 66 8.65 21.57 -28.61
N ASP A 67 9.48 22.60 -28.66
CA ASP A 67 10.59 22.62 -29.62
C ASP A 67 11.84 21.90 -29.12
N THR A 68 12.15 22.08 -27.83
CA THR A 68 13.31 21.43 -27.24
C THR A 68 13.16 19.91 -27.27
N LYS A 69 11.93 19.45 -27.08
CA LYS A 69 11.61 18.03 -27.09
C LYS A 69 12.19 17.30 -25.89
N ILE A 70 12.70 18.04 -24.93
CA ILE A 70 13.29 17.46 -23.72
C ILE A 70 12.25 17.33 -22.61
N TRP A 71 12.23 16.19 -21.93
CA TRP A 71 11.29 15.98 -20.83
C TRP A 71 11.82 16.56 -19.54
N ASN A 72 10.95 17.20 -18.78
CA ASN A 72 11.36 17.77 -17.50
C ASN A 72 10.66 17.03 -16.38
N GLY A 73 10.86 17.51 -15.15
CA GLY A 73 10.22 16.90 -14.00
C GLY A 73 10.65 15.47 -13.69
N MET A 74 9.81 14.77 -12.93
CA MET A 74 10.11 13.39 -12.56
C MET A 74 10.19 12.49 -13.78
N VAL A 75 9.35 12.75 -14.78
CA VAL A 75 9.39 11.95 -15.99
C VAL A 75 10.79 12.05 -16.59
N GLY A 76 11.32 13.28 -16.62
CA GLY A 76 12.66 13.50 -17.16
C GLY A 76 13.75 12.77 -16.41
N GLU A 77 13.65 12.76 -15.09
CA GLU A 77 14.66 12.08 -14.28
C GLU A 77 14.71 10.60 -14.66
N LEU A 78 13.56 10.03 -14.99
CA LEU A 78 13.48 8.62 -15.38
C LEU A 78 13.98 8.43 -16.81
N VAL A 79 13.50 9.29 -17.70
CA VAL A 79 13.86 9.23 -19.10
C VAL A 79 15.36 9.34 -19.32
N TYR A 80 16.01 10.24 -18.60
CA TYR A 80 17.44 10.42 -18.77
C TYR A 80 18.33 9.63 -17.81
N GLY A 81 17.72 8.70 -17.07
CA GLY A 81 18.49 7.86 -16.16
C GLY A 81 19.02 8.46 -14.86
N LYS A 82 18.39 9.54 -14.38
CA LYS A 82 18.82 10.17 -13.14
C LYS A 82 18.15 9.53 -11.92
N ALA A 83 17.09 8.77 -12.14
CA ALA A 83 16.38 8.08 -11.07
C ALA A 83 15.93 6.72 -11.59
N ASP A 84 15.73 5.77 -10.68
CA ASP A 84 15.32 4.42 -11.05
C ASP A 84 13.83 4.20 -10.94
N ILE A 85 13.17 5.05 -10.16
CA ILE A 85 11.73 4.90 -9.97
C ILE A 85 11.15 6.20 -9.43
N ALA A 86 9.88 6.43 -9.72
CA ALA A 86 9.20 7.62 -9.26
C ALA A 86 7.99 7.17 -8.46
N ILE A 87 7.89 7.64 -7.22
CA ILE A 87 6.76 7.29 -6.36
C ILE A 87 6.20 8.63 -5.92
N ALA A 88 5.11 9.02 -6.56
CA ALA A 88 4.47 10.31 -6.29
C ALA A 88 3.11 10.34 -6.97
N PRO A 89 2.34 11.40 -6.75
CA PRO A 89 1.02 11.52 -7.39
C PRO A 89 1.22 11.87 -8.86
N LEU A 90 1.85 10.96 -9.60
CA LEU A 90 2.14 11.14 -11.01
C LEU A 90 1.06 10.47 -11.86
N THR A 91 0.35 11.27 -12.65
CA THR A 91 -0.74 10.77 -13.48
C THR A 91 -0.34 9.93 -14.69
N ILE A 92 -1.03 8.80 -14.84
CA ILE A 92 -0.80 7.89 -15.96
C ILE A 92 -1.46 8.52 -17.18
N THR A 93 -0.65 8.88 -18.18
CA THR A 93 -1.17 9.48 -19.41
C THR A 93 -0.51 8.82 -20.62
N LEU A 94 -1.15 8.98 -21.78
CA LEU A 94 -0.62 8.42 -23.02
C LEU A 94 0.77 8.93 -23.37
N VAL A 95 0.95 10.25 -23.42
CA VAL A 95 2.25 10.79 -23.78
C VAL A 95 3.37 10.32 -22.86
N ARG A 96 3.05 10.11 -21.58
CA ARG A 96 4.05 9.64 -20.63
C ARG A 96 4.32 8.15 -20.76
N GLU A 97 3.26 7.36 -20.93
CA GLU A 97 3.42 5.91 -21.06
C GLU A 97 4.18 5.58 -22.34
N GLU A 98 4.27 6.55 -23.24
CA GLU A 98 5.00 6.36 -24.49
C GLU A 98 6.50 6.39 -24.23
N VAL A 99 6.91 7.00 -23.11
CA VAL A 99 8.34 7.10 -22.81
C VAL A 99 8.80 6.43 -21.50
N ILE A 100 7.86 6.15 -20.59
CA ILE A 100 8.19 5.48 -19.33
C ILE A 100 7.11 4.44 -19.03
N ASP A 101 7.38 3.53 -18.09
CA ASP A 101 6.40 2.51 -17.73
C ASP A 101 5.69 2.89 -16.45
N PHE A 102 4.43 2.49 -16.33
CA PHE A 102 3.61 2.77 -15.16
C PHE A 102 3.04 1.48 -14.61
N SER A 103 2.94 1.39 -13.29
CA SER A 103 2.34 0.23 -12.66
C SER A 103 0.83 0.47 -12.78
N LYS A 104 0.03 -0.51 -12.42
CA LYS A 104 -1.40 -0.30 -12.42
C LYS A 104 -1.59 0.80 -11.38
N PRO A 105 -2.65 1.61 -11.51
CA PRO A 105 -2.88 2.70 -10.54
C PRO A 105 -2.99 2.34 -9.06
N PHE A 106 -2.43 3.20 -8.21
CA PHE A 106 -2.52 3.00 -6.77
C PHE A 106 -3.53 3.99 -6.18
N MET A 107 -4.00 4.92 -7.01
CA MET A 107 -5.00 5.89 -6.59
C MET A 107 -5.82 6.31 -7.82
N SER A 108 -7.13 6.38 -7.65
CA SER A 108 -8.03 6.77 -8.73
C SER A 108 -8.52 8.18 -8.44
N LEU A 109 -8.55 9.02 -9.47
CA LEU A 109 -8.96 10.41 -9.32
C LEU A 109 -9.38 11.07 -10.62
N GLY A 110 -9.69 12.35 -10.55
CA GLY A 110 -10.09 13.08 -11.74
C GLY A 110 -9.90 14.57 -11.54
N ILE A 111 -9.84 15.32 -12.63
CA ILE A 111 -9.68 16.77 -12.52
C ILE A 111 -10.95 17.34 -11.87
N SER A 112 -10.76 18.29 -10.97
CA SER A 112 -11.87 18.90 -10.27
C SER A 112 -11.70 20.41 -10.15
N ILE A 113 -12.72 21.07 -9.60
CA ILE A 113 -12.69 22.52 -9.44
C ILE A 113 -12.63 22.92 -7.98
N MET A 114 -11.67 23.78 -7.65
CA MET A 114 -11.54 24.28 -6.29
C MET A 114 -11.92 25.76 -6.27
N ILE A 115 -12.85 26.12 -5.40
CA ILE A 115 -13.27 27.51 -5.28
C ILE A 115 -13.14 27.99 -3.84
N LYS A 116 -13.17 29.30 -3.67
CA LYS A 116 -13.15 29.92 -2.36
C LYS A 116 -14.62 29.78 -1.98
N LYS A 117 -14.91 29.38 -0.74
CA LYS A 117 -16.30 29.20 -0.33
C LYS A 117 -17.14 30.44 -0.66
N GLY A 118 -18.31 30.22 -1.24
CA GLY A 118 -19.19 31.33 -1.59
C GLY A 118 -19.15 31.75 -3.05
N THR A 119 -18.16 31.26 -3.77
CA THR A 119 -18.01 31.58 -5.19
C THR A 119 -19.19 31.00 -5.97
N PRO A 120 -19.81 31.83 -6.83
CA PRO A 120 -20.97 31.42 -7.65
C PRO A 120 -20.59 30.49 -8.80
N ILE A 121 -19.99 29.35 -8.48
CA ILE A 121 -19.57 28.39 -9.49
C ILE A 121 -19.92 26.97 -9.03
N GLU A 122 -20.61 26.22 -9.88
CA GLU A 122 -21.02 24.86 -9.55
C GLU A 122 -20.44 23.82 -10.50
N SER A 123 -19.87 24.27 -11.63
CA SER A 123 -19.31 23.33 -12.61
C SER A 123 -18.40 23.97 -13.64
N ALA A 124 -17.81 23.14 -14.50
CA ALA A 124 -16.92 23.63 -15.53
C ALA A 124 -17.70 24.47 -16.54
N GLU A 125 -18.95 24.07 -16.80
CA GLU A 125 -19.79 24.81 -17.74
C GLU A 125 -20.03 26.22 -17.21
N ASP A 126 -20.14 26.35 -15.89
CA ASP A 126 -20.34 27.65 -15.25
C ASP A 126 -19.10 28.52 -15.47
N LEU A 127 -17.92 27.93 -15.33
CA LEU A 127 -16.68 28.67 -15.53
C LEU A 127 -16.57 29.17 -16.97
N SER A 128 -16.91 28.30 -17.92
CA SER A 128 -16.80 28.62 -19.34
C SER A 128 -17.79 29.67 -19.84
N LYS A 129 -18.93 29.81 -19.16
CA LYS A 129 -19.95 30.78 -19.57
C LYS A 129 -19.84 32.15 -18.92
N GLN A 130 -18.79 32.37 -18.14
CA GLN A 130 -18.61 33.67 -17.49
C GLN A 130 -17.16 34.11 -17.63
N THR A 131 -16.86 35.32 -17.18
CA THR A 131 -15.50 35.85 -17.32
C THR A 131 -14.99 36.60 -16.08
N GLU A 132 -15.88 36.89 -15.15
CA GLU A 132 -15.52 37.62 -13.93
C GLU A 132 -14.55 36.83 -13.06
N ILE A 133 -14.73 35.51 -13.03
CA ILE A 133 -13.88 34.64 -12.23
C ILE A 133 -12.83 33.98 -13.13
N ALA A 134 -11.57 34.24 -12.85
CA ALA A 134 -10.48 33.65 -13.62
C ALA A 134 -10.25 32.24 -13.11
N TYR A 135 -9.59 31.41 -13.92
CA TYR A 135 -9.30 30.04 -13.52
C TYR A 135 -8.12 29.50 -14.32
N GLY A 136 -7.33 28.64 -13.69
CA GLY A 136 -6.18 28.06 -14.37
C GLY A 136 -5.78 26.72 -13.78
N THR A 137 -4.63 26.21 -14.23
CA THR A 137 -4.15 24.92 -13.77
C THR A 137 -2.66 24.98 -13.46
N LEU A 138 -2.12 23.84 -13.04
CA LEU A 138 -0.71 23.71 -12.73
C LEU A 138 0.04 23.65 -14.07
N ASP A 139 1.32 24.00 -14.04
CA ASP A 139 2.17 23.96 -15.23
C ASP A 139 2.82 22.58 -15.38
N SER A 140 3.36 22.33 -16.57
CA SER A 140 4.05 21.09 -16.90
C SER A 140 3.42 19.82 -16.31
N GLY A 141 2.12 19.64 -16.53
CA GLY A 141 1.45 18.47 -16.01
C GLY A 141 0.31 17.93 -16.86
N SER A 142 -0.30 16.85 -16.38
CA SER A 142 -1.41 16.21 -17.06
C SER A 142 -2.68 17.04 -17.15
N THR A 143 -2.94 17.89 -16.15
CA THR A 143 -4.14 18.71 -16.16
C THR A 143 -4.11 19.73 -17.31
N LYS A 144 -3.01 20.44 -17.46
CA LYS A 144 -2.89 21.43 -18.53
C LYS A 144 -3.01 20.77 -19.91
N GLU A 145 -2.41 19.60 -20.07
CA GLU A 145 -2.46 18.86 -21.33
C GLU A 145 -3.88 18.39 -21.63
N PHE A 146 -4.64 18.07 -20.57
CA PHE A 146 -6.02 17.62 -20.74
C PHE A 146 -6.82 18.69 -21.47
N PHE A 147 -6.67 19.94 -21.04
CA PHE A 147 -7.39 21.06 -21.65
C PHE A 147 -6.87 21.43 -23.04
N ARG A 148 -5.55 21.38 -23.21
CA ARG A 148 -4.95 21.72 -24.49
C ARG A 148 -5.35 20.74 -25.60
N ARG A 149 -5.66 19.51 -25.21
CA ARG A 149 -6.03 18.48 -26.19
C ARG A 149 -7.53 18.18 -26.29
N SER A 150 -8.31 18.65 -25.32
CA SER A 150 -9.76 18.38 -25.32
C SER A 150 -10.48 18.88 -26.56
N LYS A 151 -11.41 18.07 -27.06
CA LYS A 151 -12.17 18.44 -28.24
C LYS A 151 -13.65 18.61 -27.90
N ILE A 152 -13.99 18.54 -26.63
CA ILE A 152 -15.38 18.72 -26.23
C ILE A 152 -15.60 20.20 -25.94
N ALA A 153 -16.69 20.73 -26.48
CA ALA A 153 -17.08 22.14 -26.36
C ALA A 153 -16.65 22.89 -25.11
N VAL A 154 -17.18 22.49 -23.95
CA VAL A 154 -16.88 23.18 -22.70
C VAL A 154 -15.39 23.33 -22.39
N PHE A 155 -14.65 22.24 -22.43
CA PHE A 155 -13.23 22.28 -22.12
C PHE A 155 -12.42 23.04 -23.16
N ASP A 156 -12.81 22.94 -24.43
CA ASP A 156 -12.14 23.65 -25.51
C ASP A 156 -12.30 25.15 -25.26
N LYS A 157 -13.50 25.54 -24.86
CA LYS A 157 -13.79 26.95 -24.57
C LYS A 157 -12.91 27.40 -23.40
N MET A 158 -12.80 26.56 -22.38
CA MET A 158 -11.98 26.86 -21.21
C MET A 158 -10.51 27.02 -21.60
N TRP A 159 -10.01 26.13 -22.43
CA TRP A 159 -8.61 26.21 -22.85
C TRP A 159 -8.35 27.49 -23.65
N THR A 160 -9.24 27.79 -24.58
CA THR A 160 -9.12 29.00 -25.40
C THR A 160 -8.88 30.21 -24.51
N TYR A 161 -9.64 30.29 -23.42
CA TYR A 161 -9.51 31.40 -22.48
C TYR A 161 -8.20 31.34 -21.69
N MET A 162 -7.97 30.20 -21.03
CA MET A 162 -6.77 30.05 -20.21
C MET A 162 -5.44 30.29 -20.93
N ARG A 163 -5.29 29.72 -22.12
CA ARG A 163 -4.05 29.86 -22.86
C ARG A 163 -3.72 31.30 -23.25
N SER A 164 -4.73 32.16 -23.32
CA SER A 164 -4.53 33.55 -23.70
C SER A 164 -4.75 34.58 -22.60
N ALA A 165 -5.13 34.13 -21.40
CA ALA A 165 -5.37 35.03 -20.28
C ALA A 165 -4.11 35.73 -19.77
N GLU A 166 -4.26 37.01 -19.46
CA GLU A 166 -3.16 37.83 -18.94
C GLU A 166 -3.68 38.64 -17.76
N PRO A 167 -2.97 38.60 -16.62
CA PRO A 167 -1.74 37.83 -16.42
C PRO A 167 -2.02 36.33 -16.45
N SER A 168 -0.95 35.54 -16.50
CA SER A 168 -1.07 34.08 -16.54
C SER A 168 -1.96 33.51 -15.44
N VAL A 169 -2.80 32.54 -15.81
CA VAL A 169 -3.69 31.91 -14.85
C VAL A 169 -3.09 30.59 -14.37
N PHE A 170 -1.96 30.20 -14.97
CA PHE A 170 -1.28 28.96 -14.60
C PHE A 170 -0.35 29.18 -13.41
N VAL A 171 -0.09 28.11 -12.66
CA VAL A 171 0.78 28.21 -11.50
C VAL A 171 1.89 27.16 -11.55
N ARG A 172 2.99 27.43 -10.85
CA ARG A 172 4.13 26.53 -10.82
C ARG A 172 3.94 25.35 -9.86
N THR A 173 3.20 25.56 -8.78
CA THR A 173 2.96 24.48 -7.81
C THR A 173 1.53 24.50 -7.28
N THR A 174 1.09 23.34 -6.79
CA THR A 174 -0.26 23.22 -6.23
C THR A 174 -0.48 24.24 -5.13
N ALA A 175 0.52 24.41 -4.26
CA ALA A 175 0.42 25.36 -3.16
C ALA A 175 0.15 26.78 -3.67
N GLU A 176 0.78 27.12 -4.78
CA GLU A 176 0.63 28.43 -5.40
C GLU A 176 -0.82 28.61 -5.90
N GLY A 177 -1.40 27.54 -6.43
CA GLY A 177 -2.77 27.62 -6.90
C GLY A 177 -3.76 27.77 -5.77
N VAL A 178 -3.52 27.04 -4.69
CA VAL A 178 -4.40 27.08 -3.52
C VAL A 178 -4.34 28.45 -2.86
N ALA A 179 -3.13 29.02 -2.80
CA ALA A 179 -2.96 30.33 -2.20
C ALA A 179 -3.69 31.39 -3.02
N ARG A 180 -3.59 31.26 -4.35
CA ARG A 180 -4.24 32.19 -5.26
C ARG A 180 -5.75 32.18 -5.07
N VAL A 181 -6.31 30.99 -4.87
CA VAL A 181 -7.75 30.87 -4.64
C VAL A 181 -8.11 31.57 -3.32
N ARG A 182 -7.37 31.22 -2.27
CA ARG A 182 -7.61 31.78 -0.95
C ARG A 182 -7.48 33.29 -0.84
N LYS A 183 -6.60 33.88 -1.64
CA LYS A 183 -6.38 35.31 -1.58
C LYS A 183 -7.12 36.16 -2.61
N SER A 184 -7.75 35.54 -3.59
CA SER A 184 -8.44 36.29 -4.64
C SER A 184 -9.91 36.66 -4.42
N LYS A 185 -10.40 36.49 -3.20
CA LYS A 185 -11.77 36.85 -2.85
C LYS A 185 -12.83 36.29 -3.79
N GLY A 186 -12.67 35.05 -4.20
CA GLY A 186 -13.63 34.41 -5.08
C GLY A 186 -13.47 34.70 -6.55
N LYS A 187 -12.43 35.46 -6.92
CA LYS A 187 -12.21 35.81 -8.32
C LYS A 187 -11.27 34.87 -9.08
N TYR A 188 -10.83 33.80 -8.41
CA TYR A 188 -9.95 32.81 -9.04
C TYR A 188 -10.40 31.42 -8.60
N ALA A 189 -10.53 30.51 -9.57
CA ALA A 189 -10.91 29.13 -9.31
C ALA A 189 -9.75 28.28 -9.82
N TYR A 190 -9.40 27.22 -9.10
CA TYR A 190 -8.27 26.40 -9.49
C TYR A 190 -8.69 25.00 -9.94
N LEU A 191 -8.16 24.57 -11.08
CA LEU A 191 -8.46 23.25 -11.60
C LEU A 191 -7.32 22.32 -11.20
N LEU A 192 -7.62 21.31 -10.39
CA LEU A 192 -6.62 20.37 -9.92
C LEU A 192 -7.26 19.00 -9.68
N GLU A 193 -6.43 17.99 -9.48
CA GLU A 193 -6.97 16.65 -9.27
C GLU A 193 -7.77 16.53 -7.96
N SER A 194 -8.84 15.76 -8.02
CA SER A 194 -9.74 15.57 -6.88
C SER A 194 -9.04 15.21 -5.58
N THR A 195 -8.01 14.39 -5.68
CA THR A 195 -7.21 13.96 -4.52
C THR A 195 -6.70 15.16 -3.73
N MET A 196 -6.07 16.09 -4.45
CA MET A 196 -5.52 17.29 -3.82
C MET A 196 -6.63 18.21 -3.33
N ASN A 197 -7.67 18.36 -4.14
CA ASN A 197 -8.81 19.21 -3.78
C ASN A 197 -9.41 18.73 -2.46
N GLU A 198 -9.68 17.42 -2.37
CA GLU A 198 -10.26 16.82 -1.16
C GLU A 198 -9.37 17.03 0.06
N TYR A 199 -8.06 16.91 -0.14
CA TYR A 199 -7.10 17.11 0.95
C TYR A 199 -7.16 18.52 1.51
N ILE A 200 -7.03 19.52 0.62
CA ILE A 200 -7.04 20.93 1.02
C ILE A 200 -8.35 21.34 1.68
N GLU A 201 -9.43 20.72 1.24
CA GLU A 201 -10.75 21.00 1.78
C GLU A 201 -10.79 20.68 3.29
N GLN A 202 -9.87 19.81 3.73
CA GLN A 202 -9.80 19.41 5.14
C GLN A 202 -8.66 20.10 5.89
N ARG A 203 -8.12 21.17 5.33
CA ARG A 203 -7.02 21.88 5.98
C ARG A 203 -7.46 23.29 6.36
N LYS A 204 -7.02 23.76 7.52
CA LYS A 204 -7.36 25.11 7.96
C LYS A 204 -6.75 26.06 6.93
N PRO A 205 -7.36 27.23 6.72
CA PRO A 205 -8.56 27.79 7.35
C PRO A 205 -9.92 27.30 6.83
N CYS A 206 -9.95 26.14 6.21
CA CYS A 206 -11.20 25.55 5.71
C CYS A 206 -12.03 26.56 4.93
N ASP A 207 -11.40 27.25 3.99
CA ASP A 207 -12.08 28.27 3.20
C ASP A 207 -12.20 27.91 1.72
N THR A 208 -11.91 26.66 1.37
CA THR A 208 -12.04 26.23 -0.02
C THR A 208 -12.93 25.00 -0.09
N MET A 209 -13.46 24.71 -1.28
CA MET A 209 -14.29 23.53 -1.43
C MET A 209 -14.30 23.04 -2.87
N LYS A 210 -14.50 21.74 -3.01
CA LYS A 210 -14.54 21.08 -4.32
C LYS A 210 -15.98 21.11 -4.79
N VAL A 211 -16.20 21.60 -6.02
CA VAL A 211 -17.56 21.68 -6.56
C VAL A 211 -17.67 20.96 -7.90
N GLY A 212 -18.86 20.43 -8.16
CA GLY A 212 -19.10 19.72 -9.40
C GLY A 212 -18.47 18.35 -9.41
N GLY A 213 -18.80 17.54 -10.42
CA GLY A 213 -18.22 16.22 -10.51
C GLY A 213 -16.86 16.31 -11.17
N ASN A 214 -16.09 15.22 -11.16
CA ASN A 214 -14.78 15.24 -11.80
C ASN A 214 -14.96 15.36 -13.30
N LEU A 215 -14.00 15.99 -13.96
CA LEU A 215 -14.05 16.19 -15.40
C LEU A 215 -13.64 14.94 -16.17
N ASP A 216 -12.80 14.12 -15.56
CA ASP A 216 -12.35 12.87 -16.19
C ASP A 216 -12.10 11.79 -15.14
N SER A 217 -11.63 10.63 -15.57
CA SER A 217 -11.35 9.53 -14.66
C SER A 217 -10.03 8.89 -15.02
N LYS A 218 -9.07 8.93 -14.10
CA LYS A 218 -7.76 8.36 -14.35
C LYS A 218 -7.11 7.97 -13.04
N GLY A 219 -5.80 7.74 -13.08
CA GLY A 219 -5.11 7.34 -11.87
C GLY A 219 -3.62 7.60 -11.83
N TYR A 220 -3.05 7.41 -10.65
CA TYR A 220 -1.62 7.61 -10.42
C TYR A 220 -0.94 6.26 -10.49
N GLY A 221 0.28 6.24 -11.01
CA GLY A 221 1.01 5.01 -11.07
C GLY A 221 2.45 5.22 -10.67
N ILE A 222 3.10 4.16 -10.21
CA ILE A 222 4.51 4.22 -9.85
C ILE A 222 5.21 4.02 -11.19
N ALA A 223 6.11 4.95 -11.53
CA ALA A 223 6.80 4.91 -12.82
C ALA A 223 8.26 4.47 -12.76
N THR A 224 8.67 3.76 -13.80
CA THR A 224 10.04 3.28 -13.92
C THR A 224 10.49 3.50 -15.36
N PRO A 225 11.81 3.57 -15.60
CA PRO A 225 12.32 3.77 -16.96
C PRO A 225 11.85 2.60 -17.83
N LYS A 226 11.51 2.88 -19.08
CA LYS A 226 11.03 1.83 -19.97
C LYS A 226 12.06 0.69 -20.00
N GLY A 227 11.58 -0.52 -19.82
CA GLY A 227 12.47 -1.67 -19.83
C GLY A 227 13.17 -1.96 -18.51
N SER A 228 12.83 -1.22 -17.46
CA SER A 228 13.45 -1.42 -16.15
C SER A 228 13.16 -2.81 -15.59
N SER A 229 14.13 -3.37 -14.86
CA SER A 229 13.96 -4.69 -14.26
C SER A 229 13.05 -4.64 -13.03
N LEU A 230 12.80 -3.43 -12.53
CA LEU A 230 11.94 -3.24 -11.34
C LEU A 230 10.45 -3.21 -11.68
N GLY A 231 10.15 -2.87 -12.94
CA GLY A 231 8.78 -2.77 -13.37
C GLY A 231 7.80 -3.86 -12.96
N ASN A 232 8.13 -5.12 -13.29
CA ASN A 232 7.26 -6.23 -12.98
C ASN A 232 6.91 -6.40 -11.51
N ALA A 233 7.93 -6.43 -10.65
CA ALA A 233 7.72 -6.61 -9.22
C ALA A 233 6.91 -5.45 -8.61
N VAL A 234 7.27 -4.23 -8.99
CA VAL A 234 6.58 -3.06 -8.47
C VAL A 234 5.09 -3.12 -8.79
N ASN A 235 4.77 -3.48 -10.02
CA ASN A 235 3.36 -3.56 -10.42
C ASN A 235 2.63 -4.60 -9.58
N LEU A 236 3.25 -5.75 -9.37
CA LEU A 236 2.62 -6.79 -8.56
C LEU A 236 2.48 -6.35 -7.11
N ALA A 237 3.44 -5.57 -6.63
CA ALA A 237 3.40 -5.07 -5.26
C ALA A 237 2.20 -4.14 -5.09
N VAL A 238 2.01 -3.26 -6.06
CA VAL A 238 0.90 -2.32 -6.01
C VAL A 238 -0.44 -3.05 -5.95
N LEU A 239 -0.60 -4.06 -6.81
CA LEU A 239 -1.84 -4.82 -6.81
C LEU A 239 -2.03 -5.54 -5.48
N LYS A 240 -0.97 -6.17 -4.99
CA LYS A 240 -1.02 -6.90 -3.71
C LYS A 240 -1.45 -5.95 -2.58
N LEU A 241 -0.78 -4.82 -2.49
CA LEU A 241 -1.06 -3.83 -1.45
C LEU A 241 -2.45 -3.22 -1.53
N ASN A 242 -2.96 -3.00 -2.74
CA ASN A 242 -4.30 -2.44 -2.88
C ASN A 242 -5.30 -3.46 -2.38
N GLU A 243 -5.11 -4.71 -2.79
CA GLU A 243 -6.03 -5.77 -2.38
C GLU A 243 -6.05 -6.04 -0.89
N GLN A 244 -4.93 -5.77 -0.22
CA GLN A 244 -4.84 -5.98 1.23
C GLN A 244 -5.38 -4.80 2.03
N GLY A 245 -5.77 -3.73 1.33
CA GLY A 245 -6.31 -2.57 2.00
C GLY A 245 -5.34 -1.49 2.45
N LEU A 246 -4.04 -1.68 2.22
CA LEU A 246 -3.04 -0.69 2.63
C LEU A 246 -3.27 0.67 2.00
N LEU A 247 -3.55 0.70 0.70
CA LEU A 247 -3.75 1.97 0.03
C LEU A 247 -4.92 2.76 0.61
N ASP A 248 -6.00 2.06 0.95
CA ASP A 248 -7.16 2.74 1.52
C ASP A 248 -6.82 3.19 2.93
N LYS A 249 -6.05 2.38 3.63
CA LYS A 249 -5.65 2.71 5.00
C LYS A 249 -4.76 3.95 4.95
N LEU A 250 -3.86 4.01 3.98
CA LEU A 250 -2.95 5.14 3.85
C LEU A 250 -3.68 6.45 3.50
N LYS A 251 -4.71 6.38 2.66
CA LYS A 251 -5.43 7.61 2.30
C LYS A 251 -6.19 8.14 3.50
N ASN A 252 -6.78 7.25 4.30
CA ASN A 252 -7.52 7.69 5.47
C ASN A 252 -6.58 8.32 6.48
N LYS A 253 -5.37 7.76 6.60
CA LYS A 253 -4.37 8.27 7.54
C LYS A 253 -3.94 9.70 7.22
N TRP A 254 -3.60 9.97 5.96
CA TRP A 254 -3.13 11.28 5.56
C TRP A 254 -4.18 12.31 5.15
N TRP A 255 -5.38 11.86 4.82
CA TRP A 255 -6.44 12.78 4.40
C TRP A 255 -7.44 13.14 5.49
N TYR A 256 -8.06 12.11 6.06
CA TYR A 256 -9.11 12.32 7.04
C TYR A 256 -8.76 12.15 8.50
N ASP A 257 -7.94 11.15 8.85
CA ASP A 257 -7.56 10.97 10.25
C ASP A 257 -6.85 12.22 10.76
N LYS A 258 -6.29 12.98 9.82
CA LYS A 258 -5.57 14.20 10.17
C LYS A 258 -6.31 15.46 9.71
N GLY A 259 -7.59 15.33 9.39
CA GLY A 259 -8.37 16.47 8.95
C GLY A 259 -8.39 17.55 10.01
N GLU A 260 -8.40 18.81 9.60
CA GLU A 260 -8.39 19.94 10.54
C GLU A 260 -9.68 20.74 10.52
N CYS A 261 -10.66 20.28 9.76
CA CYS A 261 -11.93 20.99 9.65
C CYS A 261 -13.08 20.16 10.21
N LYS B 4 46.77 -10.00 20.66
CA LYS B 4 46.14 -9.01 19.72
C LYS B 4 44.92 -8.37 20.37
N THR B 5 44.53 -7.19 19.88
CA THR B 5 43.36 -6.52 20.43
C THR B 5 42.11 -7.25 19.97
N VAL B 6 41.28 -7.63 20.91
CA VAL B 6 40.04 -8.35 20.62
C VAL B 6 38.99 -7.39 20.07
N VAL B 7 38.38 -7.74 18.94
CA VAL B 7 37.35 -6.89 18.35
C VAL B 7 35.99 -7.32 18.89
N VAL B 8 35.38 -6.44 19.68
CA VAL B 8 34.08 -6.69 20.28
C VAL B 8 32.96 -6.07 19.44
N THR B 9 31.98 -6.88 19.06
CA THR B 9 30.86 -6.33 18.31
C THR B 9 29.72 -6.17 19.29
N THR B 10 29.04 -5.03 19.24
CA THR B 10 27.92 -4.79 20.13
C THR B 10 26.90 -3.95 19.37
N ILE B 11 25.84 -3.54 20.05
CA ILE B 11 24.80 -2.80 19.38
C ILE B 11 24.36 -1.59 20.20
N LEU B 12 23.98 -0.51 19.53
CA LEU B 12 23.52 0.69 20.24
C LEU B 12 22.10 0.43 20.72
N GLU B 13 22.01 -0.02 21.97
CA GLU B 13 20.73 -0.36 22.59
C GLU B 13 20.80 0.07 24.06
N SER B 14 20.02 1.09 24.43
CA SER B 14 20.05 1.53 25.83
C SER B 14 19.32 0.53 26.71
N PRO B 15 19.81 0.31 27.94
CA PRO B 15 20.97 0.94 28.57
C PRO B 15 22.24 0.09 28.45
N TYR B 16 22.24 -0.86 27.52
CA TYR B 16 23.38 -1.75 27.33
C TYR B 16 24.60 -1.01 26.77
N VAL B 17 24.41 -0.31 25.65
CA VAL B 17 25.50 0.47 25.04
C VAL B 17 24.92 1.79 24.52
N MET B 18 25.48 2.89 24.98
CA MET B 18 25.03 4.22 24.58
C MET B 18 26.22 5.14 24.33
N MET B 19 26.06 6.05 23.38
CA MET B 19 27.11 7.02 23.07
C MET B 19 27.01 8.12 24.12
N LYS B 20 28.11 8.38 24.83
CA LYS B 20 28.10 9.43 25.84
C LYS B 20 27.84 10.76 25.14
N LYS B 21 27.03 11.61 25.75
CA LYS B 21 26.68 12.90 25.17
C LYS B 21 27.92 13.66 24.70
N ASN B 22 27.88 14.13 23.46
CA ASN B 22 28.97 14.89 22.85
C ASN B 22 30.30 14.15 22.68
N HIS B 23 30.25 12.84 22.50
CA HIS B 23 31.47 12.05 22.31
C HIS B 23 31.62 11.52 20.88
N GLU B 24 30.65 11.85 20.03
CA GLU B 24 30.65 11.39 18.64
C GLU B 24 31.97 11.64 17.91
N MET B 25 32.66 12.72 18.27
CA MET B 25 33.91 13.06 17.61
C MET B 25 35.17 12.53 18.29
N LEU B 26 35.02 11.93 19.46
CA LEU B 26 36.18 11.38 20.16
C LEU B 26 36.44 10.00 19.58
N GLU B 27 37.30 9.22 20.23
CA GLU B 27 37.58 7.88 19.74
C GLU B 27 37.94 6.89 20.86
N GLY B 28 37.88 5.60 20.54
CA GLY B 28 38.20 4.61 21.53
C GLY B 28 36.98 4.18 22.33
N ASN B 29 37.20 3.33 23.31
CA ASN B 29 36.11 2.82 24.14
C ASN B 29 35.51 3.85 25.09
N GLU B 30 36.22 4.93 25.36
CA GLU B 30 35.74 5.96 26.27
C GLU B 30 34.46 6.64 25.79
N ARG B 31 34.18 6.56 24.49
CA ARG B 31 32.98 7.16 23.90
C ARG B 31 31.66 6.57 24.39
N TYR B 32 31.69 5.30 24.78
CA TYR B 32 30.49 4.56 25.19
C TYR B 32 30.33 4.29 26.68
N GLU B 33 29.07 4.03 27.06
CA GLU B 33 28.75 3.70 28.45
C GLU B 33 27.55 2.79 28.45
N GLY B 34 27.36 2.06 29.55
CA GLY B 34 26.23 1.16 29.64
C GLY B 34 26.53 -0.15 30.31
N TYR B 35 25.48 -0.96 30.50
CA TYR B 35 25.62 -2.26 31.12
C TYR B 35 26.64 -3.14 30.40
N CYS B 36 26.54 -3.22 29.08
CA CYS B 36 27.47 -4.06 28.33
C CYS B 36 28.88 -3.51 28.25
N VAL B 37 29.02 -2.19 28.35
CA VAL B 37 30.34 -1.57 28.34
C VAL B 37 31.03 -1.93 29.65
N ASP B 38 30.29 -1.89 30.74
CA ASP B 38 30.81 -2.25 32.06
C ASP B 38 31.14 -3.75 32.08
N LEU B 39 30.25 -4.54 31.50
CA LEU B 39 30.47 -5.99 31.44
C LEU B 39 31.69 -6.31 30.59
N ALA B 40 31.85 -5.63 29.46
CA ALA B 40 33.00 -5.86 28.60
C ALA B 40 34.30 -5.61 29.35
N ALA B 41 34.31 -4.56 30.17
CA ALA B 41 35.50 -4.23 30.94
C ALA B 41 35.84 -5.32 31.97
N GLU B 42 34.82 -5.86 32.65
CA GLU B 42 35.04 -6.92 33.65
C GLU B 42 35.52 -8.22 33.01
N ILE B 43 34.89 -8.61 31.90
CA ILE B 43 35.25 -9.84 31.19
C ILE B 43 36.70 -9.77 30.70
N ALA B 44 37.08 -8.63 30.10
CA ALA B 44 38.43 -8.47 29.58
C ALA B 44 39.45 -8.49 30.72
N LYS B 45 39.10 -7.91 31.86
CA LYS B 45 39.99 -7.87 33.02
C LYS B 45 40.20 -9.27 33.57
N HIS B 46 39.13 -10.05 33.63
CA HIS B 46 39.20 -11.41 34.15
C HIS B 46 39.86 -12.39 33.18
N CYS B 47 39.69 -12.15 31.88
CA CYS B 47 40.27 -13.02 30.86
C CYS B 47 41.63 -12.51 30.39
N GLY B 48 41.99 -11.33 30.84
CA GLY B 48 43.27 -10.75 30.50
C GLY B 48 43.52 -10.40 29.04
N PHE B 49 42.60 -9.65 28.44
CA PHE B 49 42.79 -9.26 27.06
C PHE B 49 42.40 -7.81 26.84
N LYS B 50 42.97 -7.20 25.81
CA LYS B 50 42.66 -5.81 25.47
C LYS B 50 41.61 -5.87 24.37
N TYR B 51 40.75 -4.87 24.30
CA TYR B 51 39.69 -4.90 23.31
C TYR B 51 39.29 -3.54 22.72
N LYS B 52 38.56 -3.61 21.63
CA LYS B 52 38.05 -2.44 20.94
C LYS B 52 36.55 -2.64 20.74
N LEU B 53 35.74 -1.76 21.30
CA LEU B 53 34.29 -1.84 21.15
C LEU B 53 33.92 -1.28 19.77
N THR B 54 33.15 -2.06 19.01
CA THR B 54 32.69 -1.65 17.69
C THR B 54 31.18 -1.90 17.60
N ILE B 55 30.47 -1.04 16.87
CA ILE B 55 29.02 -1.19 16.73
C ILE B 55 28.70 -1.95 15.45
N VAL B 56 27.90 -3.01 15.59
CA VAL B 56 27.51 -3.83 14.44
C VAL B 56 27.07 -3.00 13.24
N GLY B 57 27.72 -3.25 12.11
CA GLY B 57 27.45 -2.53 10.88
C GLY B 57 26.02 -2.36 10.40
N ASP B 58 25.24 -3.44 10.43
CA ASP B 58 23.86 -3.36 9.95
C ASP B 58 22.84 -3.10 11.07
N GLY B 59 23.34 -2.88 12.28
CA GLY B 59 22.49 -2.60 13.43
C GLY B 59 21.52 -3.68 13.84
N LYS B 60 21.80 -4.93 13.45
CA LYS B 60 20.91 -6.04 13.78
C LYS B 60 21.51 -7.04 14.77
N TYR B 61 20.65 -7.80 15.44
CA TYR B 61 21.11 -8.81 16.38
C TYR B 61 21.66 -10.02 15.64
N GLY B 62 20.86 -10.58 14.74
CA GLY B 62 21.34 -11.72 13.97
C GLY B 62 20.32 -12.77 13.59
N ALA B 63 20.17 -12.97 12.28
CA ALA B 63 19.26 -13.96 11.74
C ALA B 63 19.80 -14.44 10.38
N ARG B 64 19.41 -15.64 9.99
CA ARG B 64 19.87 -16.20 8.72
C ARG B 64 18.80 -15.98 7.66
N ASP B 65 19.18 -15.37 6.55
CA ASP B 65 18.25 -15.12 5.45
C ASP B 65 17.74 -16.45 4.91
N ALA B 66 16.43 -16.55 4.67
CA ALA B 66 15.83 -17.78 4.17
C ALA B 66 16.29 -18.11 2.76
N ASP B 67 16.41 -17.09 1.91
CA ASP B 67 16.81 -17.27 0.52
C ASP B 67 18.32 -17.42 0.31
N THR B 68 19.10 -16.46 0.79
CA THR B 68 20.55 -16.50 0.62
C THR B 68 21.28 -17.33 1.68
N LYS B 69 20.60 -17.61 2.78
CA LYS B 69 21.18 -18.41 3.88
C LYS B 69 22.37 -17.72 4.56
N ILE B 70 22.49 -16.41 4.37
CA ILE B 70 23.57 -15.64 4.94
C ILE B 70 23.17 -15.03 6.29
N TRP B 71 24.05 -15.10 7.29
CA TRP B 71 23.75 -14.53 8.60
C TRP B 71 24.06 -13.04 8.65
N ASN B 72 23.14 -12.27 9.23
CA ASN B 72 23.35 -10.84 9.37
C ASN B 72 23.54 -10.50 10.85
N GLY B 73 23.66 -9.21 11.15
CA GLY B 73 23.81 -8.77 12.52
C GLY B 73 25.10 -9.19 13.21
N MET B 74 25.09 -9.15 14.54
CA MET B 74 26.26 -9.52 15.31
C MET B 74 26.62 -10.98 15.11
N VAL B 75 25.61 -11.83 14.98
CA VAL B 75 25.87 -13.24 14.76
C VAL B 75 26.70 -13.37 13.49
N GLY B 76 26.27 -12.70 12.42
CA GLY B 76 27.01 -12.75 11.17
C GLY B 76 28.44 -12.25 11.31
N GLU B 77 28.64 -11.17 12.06
CA GLU B 77 29.99 -10.64 12.23
C GLU B 77 30.92 -11.69 12.84
N LEU B 78 30.38 -12.51 13.73
CA LEU B 78 31.18 -13.57 14.34
C LEU B 78 31.38 -14.72 13.37
N VAL B 79 30.29 -15.13 12.72
CA VAL B 79 30.34 -16.25 11.77
C VAL B 79 31.32 -16.03 10.63
N TYR B 80 31.38 -14.82 10.10
CA TYR B 80 32.27 -14.50 9.00
C TYR B 80 33.63 -13.93 9.40
N GLY B 81 33.90 -13.93 10.70
CA GLY B 81 35.19 -13.45 11.20
C GLY B 81 35.45 -11.95 11.27
N LYS B 82 34.41 -11.14 11.28
CA LYS B 82 34.54 -9.69 11.35
C LYS B 82 34.77 -9.20 12.77
N ALA B 83 34.35 -10.02 13.74
CA ALA B 83 34.51 -9.69 15.15
C ALA B 83 34.93 -10.96 15.88
N ASP B 84 35.56 -10.77 17.04
CA ASP B 84 36.05 -11.88 17.85
C ASP B 84 35.09 -12.29 18.95
N ILE B 85 34.24 -11.35 19.39
CA ILE B 85 33.31 -11.64 20.46
C ILE B 85 32.16 -10.65 20.43
N ALA B 86 30.98 -11.10 20.84
CA ALA B 86 29.81 -10.22 20.88
C ALA B 86 29.37 -10.08 22.33
N ILE B 87 29.32 -8.84 22.82
CA ILE B 87 28.90 -8.57 24.18
C ILE B 87 27.73 -7.61 24.04
N ALA B 88 26.52 -8.18 24.13
CA ALA B 88 25.31 -7.41 23.94
C ALA B 88 24.12 -8.21 24.44
N PRO B 89 22.92 -7.59 24.45
CA PRO B 89 21.74 -8.33 24.91
C PRO B 89 21.32 -9.26 23.77
N LEU B 90 22.18 -10.23 23.48
CA LEU B 90 21.99 -11.21 22.42
C LEU B 90 21.43 -12.50 23.01
N THR B 91 20.23 -12.86 22.57
CA THR B 91 19.55 -14.04 23.09
C THR B 91 20.10 -15.38 22.64
N ILE B 92 20.29 -16.26 23.61
CA ILE B 92 20.76 -17.61 23.37
C ILE B 92 19.60 -18.40 22.74
N THR B 93 19.78 -18.84 21.50
CA THR B 93 18.74 -19.62 20.80
C THR B 93 19.40 -20.81 20.12
N LEU B 94 18.61 -21.83 19.83
CA LEU B 94 19.14 -23.02 19.18
C LEU B 94 19.77 -22.72 17.83
N VAL B 95 19.06 -21.99 16.96
CA VAL B 95 19.61 -21.70 15.63
C VAL B 95 20.93 -20.93 15.69
N ARG B 96 21.11 -20.09 16.71
CA ARG B 96 22.36 -19.35 16.84
C ARG B 96 23.46 -20.22 17.43
N GLU B 97 23.13 -21.00 18.46
CA GLU B 97 24.11 -21.88 19.10
C GLU B 97 24.64 -22.93 18.12
N GLU B 98 23.92 -23.14 17.03
CA GLU B 98 24.35 -24.10 16.02
C GLU B 98 25.51 -23.53 15.19
N VAL B 99 25.63 -22.21 15.11
CA VAL B 99 26.70 -21.59 14.33
C VAL B 99 27.75 -20.81 15.14
N ILE B 100 27.42 -20.42 16.37
CA ILE B 100 28.36 -19.69 17.24
C ILE B 100 28.29 -20.26 18.66
N ASP B 101 29.25 -19.89 19.51
CA ASP B 101 29.27 -20.36 20.90
C ASP B 101 28.73 -19.28 21.83
N PHE B 102 28.01 -19.71 22.87
CA PHE B 102 27.45 -18.79 23.86
C PHE B 102 27.96 -19.16 25.25
N SER B 103 28.20 -18.15 26.08
CA SER B 103 28.61 -18.38 27.46
C SER B 103 27.31 -18.69 28.18
N LYS B 104 27.40 -19.13 29.42
CA LYS B 104 26.21 -19.38 30.23
C LYS B 104 25.58 -17.98 30.28
N PRO B 105 24.26 -17.88 30.50
CA PRO B 105 23.63 -16.56 30.54
C PRO B 105 24.09 -15.58 31.62
N PHE B 106 24.15 -14.30 31.25
CA PHE B 106 24.52 -13.27 32.20
C PHE B 106 23.28 -12.50 32.64
N MET B 107 22.14 -12.81 32.01
CA MET B 107 20.88 -12.17 32.37
C MET B 107 19.72 -13.08 31.93
N SER B 108 18.67 -13.13 32.75
CA SER B 108 17.50 -13.95 32.45
C SER B 108 16.35 -13.02 32.06
N LEU B 109 15.53 -13.45 31.11
CA LEU B 109 14.42 -12.62 30.65
C LEU B 109 13.41 -13.39 29.81
N GLY B 110 12.38 -12.70 29.37
CA GLY B 110 11.36 -13.32 28.54
C GLY B 110 10.65 -12.31 27.67
N ILE B 111 9.98 -12.78 26.61
CA ILE B 111 9.26 -11.87 25.73
C ILE B 111 8.08 -11.32 26.54
N SER B 112 7.80 -10.04 26.37
CA SER B 112 6.72 -9.41 27.11
C SER B 112 5.97 -8.41 26.25
N ILE B 113 4.93 -7.80 26.81
CA ILE B 113 4.11 -6.84 26.06
C ILE B 113 4.23 -5.42 26.59
N MET B 114 4.52 -4.49 25.68
CA MET B 114 4.61 -3.08 26.03
C MET B 114 3.39 -2.37 25.45
N ILE B 115 2.68 -1.63 26.29
CA ILE B 115 1.51 -0.88 25.83
C ILE B 115 1.62 0.58 26.24
N LYS B 116 0.88 1.45 25.57
CA LYS B 116 0.85 2.86 25.96
C LYS B 116 -0.14 2.81 27.13
N LYS B 117 0.13 3.53 28.21
CA LYS B 117 -0.77 3.48 29.36
C LYS B 117 -2.23 3.72 28.98
N GLY B 118 -3.11 2.86 29.51
CA GLY B 118 -4.52 2.99 29.22
C GLY B 118 -5.06 2.06 28.13
N THR B 119 -4.20 1.40 27.37
CA THR B 119 -4.74 0.50 26.34
C THR B 119 -5.34 -0.73 26.99
N PRO B 120 -6.57 -1.11 26.58
CA PRO B 120 -7.29 -2.26 27.11
C PRO B 120 -6.71 -3.61 26.69
N ILE B 121 -5.49 -3.88 27.14
CA ILE B 121 -4.80 -5.13 26.83
C ILE B 121 -4.07 -5.57 28.07
N GLU B 122 -4.29 -6.82 28.48
CA GLU B 122 -3.64 -7.34 29.68
C GLU B 122 -2.80 -8.58 29.41
N SER B 123 -2.90 -9.14 28.21
CA SER B 123 -2.15 -10.37 27.92
C SER B 123 -2.07 -10.64 26.42
N ALA B 124 -1.29 -11.64 26.06
CA ALA B 124 -1.13 -12.04 24.67
C ALA B 124 -2.48 -12.55 24.15
N GLU B 125 -3.21 -13.25 25.02
CA GLU B 125 -4.53 -13.76 24.67
C GLU B 125 -5.40 -12.61 24.23
N ASP B 126 -5.37 -11.52 24.99
CA ASP B 126 -6.13 -10.32 24.68
C ASP B 126 -5.79 -9.79 23.29
N LEU B 127 -4.49 -9.71 22.98
CA LEU B 127 -4.06 -9.22 21.68
C LEU B 127 -4.59 -10.09 20.55
N SER B 128 -4.52 -11.40 20.74
CA SER B 128 -4.97 -12.36 19.72
C SER B 128 -6.47 -12.40 19.43
N LYS B 129 -7.28 -11.92 20.36
CA LYS B 129 -8.73 -11.94 20.17
C LYS B 129 -9.32 -10.64 19.64
N GLN B 130 -8.48 -9.74 19.16
CA GLN B 130 -8.97 -8.47 18.65
C GLN B 130 -8.11 -7.98 17.48
N THR B 131 -8.61 -6.98 16.77
CA THR B 131 -7.87 -6.46 15.61
C THR B 131 -7.75 -4.94 15.61
N GLU B 132 -8.36 -4.28 16.57
CA GLU B 132 -8.31 -2.83 16.64
C GLU B 132 -6.90 -2.35 16.97
N ILE B 133 -6.23 -3.09 17.86
CA ILE B 133 -4.88 -2.75 18.28
C ILE B 133 -3.89 -3.63 17.52
N ALA B 134 -2.99 -3.00 16.76
CA ALA B 134 -1.99 -3.74 16.01
C ALA B 134 -0.82 -4.03 16.93
N TYR B 135 -0.02 -5.04 16.58
CA TYR B 135 1.14 -5.39 17.39
C TYR B 135 2.20 -6.06 16.53
N GLY B 136 3.46 -5.82 16.89
CA GLY B 136 4.57 -6.39 16.15
C GLY B 136 5.79 -6.62 16.99
N THR B 137 6.89 -6.99 16.34
CA THR B 137 8.15 -7.27 17.01
C THR B 137 9.30 -6.67 16.24
N LEU B 138 10.50 -6.82 16.79
CA LEU B 138 11.71 -6.34 16.15
C LEU B 138 11.97 -7.25 14.95
N ASP B 139 12.60 -6.68 13.92
CA ASP B 139 12.91 -7.45 12.72
C ASP B 139 14.29 -8.10 12.89
N SER B 140 14.45 -9.32 12.38
CA SER B 140 15.73 -10.04 12.43
C SER B 140 16.27 -10.48 13.78
N GLY B 141 15.42 -11.08 14.61
CA GLY B 141 15.89 -11.51 15.91
C GLY B 141 15.16 -12.70 16.49
N SER B 142 15.44 -13.00 17.75
CA SER B 142 14.83 -14.12 18.44
C SER B 142 13.33 -14.01 18.70
N THR B 143 12.84 -12.78 18.90
CA THR B 143 11.42 -12.62 19.17
C THR B 143 10.54 -12.97 17.96
N LYS B 144 10.89 -12.45 16.79
CA LYS B 144 10.11 -12.73 15.58
C LYS B 144 10.14 -14.24 15.34
N GLU B 145 11.31 -14.83 15.56
CA GLU B 145 11.52 -16.26 15.37
C GLU B 145 10.63 -17.06 16.31
N PHE B 146 10.48 -16.57 17.55
CA PHE B 146 9.63 -17.22 18.54
C PHE B 146 8.20 -17.39 18.02
N PHE B 147 7.66 -16.32 17.46
CA PHE B 147 6.31 -16.36 16.93
C PHE B 147 6.16 -17.18 15.65
N ARG B 148 7.14 -17.09 14.76
CA ARG B 148 7.09 -17.82 13.50
C ARG B 148 7.13 -19.33 13.71
N ARG B 149 7.78 -19.77 14.79
CA ARG B 149 7.89 -21.19 15.06
C ARG B 149 6.98 -21.77 16.15
N SER B 150 6.27 -20.91 16.86
CA SER B 150 5.40 -21.37 17.94
C SER B 150 4.22 -22.23 17.47
N LYS B 151 3.93 -23.26 18.24
CA LYS B 151 2.82 -24.17 17.94
C LYS B 151 1.72 -23.95 18.99
N ILE B 152 1.96 -22.99 19.88
CA ILE B 152 1.00 -22.65 20.92
C ILE B 152 -0.13 -21.84 20.29
N ALA B 153 -1.36 -22.36 20.41
CA ALA B 153 -2.55 -21.72 19.84
C ALA B 153 -2.55 -20.19 19.78
N VAL B 154 -2.43 -19.53 20.92
CA VAL B 154 -2.44 -18.08 20.97
C VAL B 154 -1.31 -17.42 20.18
N PHE B 155 -0.08 -17.90 20.40
CA PHE B 155 1.06 -17.32 19.70
C PHE B 155 1.03 -17.60 18.20
N ASP B 156 0.41 -18.71 17.80
CA ASP B 156 0.30 -19.06 16.40
C ASP B 156 -0.70 -18.11 15.73
N LYS B 157 -1.79 -17.82 16.43
CA LYS B 157 -2.82 -16.92 15.92
C LYS B 157 -2.20 -15.52 15.77
N MET B 158 -1.35 -15.14 16.73
CA MET B 158 -0.68 -13.85 16.67
C MET B 158 0.26 -13.78 15.47
N TRP B 159 1.01 -14.85 15.22
CA TRP B 159 1.93 -14.85 14.09
C TRP B 159 1.18 -14.78 12.76
N THR B 160 0.07 -15.51 12.66
CA THR B 160 -0.70 -15.49 11.42
C THR B 160 -1.13 -14.07 11.12
N TYR B 161 -1.49 -13.33 12.16
CA TYR B 161 -1.88 -11.95 11.99
C TYR B 161 -0.69 -11.06 11.64
N MET B 162 0.37 -11.15 12.43
CA MET B 162 1.54 -10.30 12.18
C MET B 162 2.24 -10.52 10.84
N ARG B 163 2.35 -11.77 10.39
CA ARG B 163 3.05 -12.04 9.15
C ARG B 163 2.47 -11.40 7.89
N SER B 164 1.18 -11.07 7.91
CA SER B 164 0.54 -10.49 6.74
C SER B 164 -0.12 -9.13 6.99
N ALA B 165 0.07 -8.58 8.18
CA ALA B 165 -0.53 -7.29 8.50
C ALA B 165 0.09 -6.18 7.64
N GLU B 166 -0.75 -5.24 7.21
CA GLU B 166 -0.32 -4.12 6.39
C GLU B 166 -0.87 -2.83 7.00
N PRO B 167 -0.01 -1.82 7.20
CA PRO B 167 1.42 -1.81 6.89
C PRO B 167 2.16 -2.72 7.89
N SER B 168 3.40 -3.06 7.56
CA SER B 168 4.21 -3.93 8.40
C SER B 168 4.18 -3.54 9.87
N VAL B 169 3.97 -4.53 10.74
CA VAL B 169 3.95 -4.29 12.18
C VAL B 169 5.36 -4.45 12.76
N PHE B 170 6.31 -4.87 11.92
CA PHE B 170 7.67 -5.08 12.38
C PHE B 170 8.49 -3.80 12.34
N VAL B 171 9.49 -3.70 13.21
CA VAL B 171 10.33 -2.52 13.26
C VAL B 171 11.82 -2.84 13.17
N ARG B 172 12.60 -1.85 12.74
CA ARG B 172 14.04 -1.99 12.56
C ARG B 172 14.86 -2.04 13.85
N THR B 173 14.47 -1.24 14.85
CA THR B 173 15.17 -1.17 16.12
C THR B 173 14.18 -1.08 17.26
N THR B 174 14.65 -1.37 18.47
CA THR B 174 13.80 -1.30 19.65
C THR B 174 13.23 0.10 19.81
N ALA B 175 14.06 1.11 19.58
CA ALA B 175 13.65 2.51 19.70
C ALA B 175 12.48 2.84 18.78
N GLU B 176 12.46 2.25 17.59
CA GLU B 176 11.40 2.49 16.62
C GLU B 176 10.09 1.88 17.11
N GLY B 177 10.18 0.71 17.74
CA GLY B 177 8.99 0.05 18.25
C GLY B 177 8.40 0.86 19.39
N VAL B 178 9.26 1.32 20.29
CA VAL B 178 8.84 2.12 21.44
C VAL B 178 8.20 3.42 20.99
N ALA B 179 8.82 4.09 20.02
CA ALA B 179 8.29 5.35 19.51
C ALA B 179 6.93 5.11 18.85
N ARG B 180 6.78 3.94 18.22
CA ARG B 180 5.53 3.60 17.55
C ARG B 180 4.41 3.43 18.56
N VAL B 181 4.71 2.81 19.71
CA VAL B 181 3.71 2.63 20.76
C VAL B 181 3.34 4.01 21.31
N ARG B 182 4.35 4.84 21.55
CA ARG B 182 4.13 6.17 22.11
C ARG B 182 3.32 7.11 21.23
N LYS B 183 3.46 6.97 19.91
CA LYS B 183 2.74 7.85 18.99
C LYS B 183 1.44 7.28 18.42
N SER B 184 1.12 6.03 18.73
CA SER B 184 -0.08 5.41 18.18
C SER B 184 -1.38 5.56 18.98
N LYS B 185 -1.35 6.36 20.04
CA LYS B 185 -2.55 6.58 20.84
C LYS B 185 -3.17 5.28 21.36
N GLY B 186 -2.32 4.28 21.59
CA GLY B 186 -2.81 3.00 22.10
C GLY B 186 -3.27 2.03 21.04
N LYS B 187 -2.98 2.34 19.77
CA LYS B 187 -3.37 1.47 18.68
C LYS B 187 -2.27 0.52 18.24
N TYR B 188 -1.13 0.57 18.94
CA TYR B 188 -0.01 -0.32 18.66
C TYR B 188 0.60 -0.80 19.97
N ALA B 189 0.85 -2.10 20.04
CA ALA B 189 1.48 -2.70 21.22
C ALA B 189 2.75 -3.34 20.68
N TYR B 190 3.83 -3.30 21.46
CA TYR B 190 5.09 -3.85 21.00
C TYR B 190 5.53 -5.06 21.81
N LEU B 191 5.97 -6.11 21.11
CA LEU B 191 6.43 -7.33 21.77
C LEU B 191 7.95 -7.27 21.80
N LEU B 192 8.51 -7.21 23.01
CA LEU B 192 9.96 -7.13 23.20
C LEU B 192 10.36 -7.84 24.49
N GLU B 193 11.65 -8.04 24.70
CA GLU B 193 12.07 -8.75 25.91
C GLU B 193 11.86 -7.90 27.17
N SER B 194 11.53 -8.59 28.28
CA SER B 194 11.24 -7.96 29.56
C SER B 194 12.26 -6.93 30.06
N THR B 195 13.54 -7.21 29.83
CA THR B 195 14.62 -6.31 30.23
C THR B 195 14.44 -4.92 29.64
N MET B 196 14.18 -4.87 28.34
CA MET B 196 13.97 -3.61 27.63
C MET B 196 12.67 -2.95 28.07
N ASN B 197 11.61 -3.76 28.16
CA ASN B 197 10.29 -3.27 28.56
C ASN B 197 10.37 -2.62 29.95
N GLU B 198 10.94 -3.34 30.91
CA GLU B 198 11.10 -2.84 32.27
C GLU B 198 11.93 -1.57 32.31
N TYR B 199 12.96 -1.50 31.47
CA TYR B 199 13.81 -0.30 31.43
C TYR B 199 13.02 0.92 30.96
N ILE B 200 12.37 0.80 29.81
CA ILE B 200 11.59 1.88 29.21
C ILE B 200 10.48 2.35 30.14
N GLU B 201 9.89 1.43 30.87
CA GLU B 201 8.82 1.73 31.81
C GLU B 201 9.26 2.77 32.84
N GLN B 202 10.55 2.82 33.14
CA GLN B 202 11.06 3.79 34.11
C GLN B 202 11.75 4.97 33.43
N ARG B 203 11.44 5.20 32.17
CA ARG B 203 12.02 6.30 31.42
C ARG B 203 10.93 7.31 31.05
N LYS B 204 11.26 8.60 31.10
CA LYS B 204 10.31 9.64 30.72
C LYS B 204 9.96 9.43 29.25
N PRO B 205 8.76 9.83 28.82
CA PRO B 205 7.70 10.47 29.61
C PRO B 205 6.86 9.53 30.47
N CYS B 206 7.39 8.35 30.78
CA CYS B 206 6.66 7.40 31.63
C CYS B 206 5.26 7.13 31.13
N ASP B 207 5.12 6.86 29.83
CA ASP B 207 3.81 6.63 29.25
C ASP B 207 3.59 5.21 28.73
N THR B 208 4.52 4.31 29.04
CA THR B 208 4.42 2.92 28.61
C THR B 208 4.34 2.00 29.82
N MET B 209 3.85 0.79 29.59
CA MET B 209 3.71 -0.17 30.67
C MET B 209 3.85 -1.61 30.22
N LYS B 210 4.54 -2.41 31.03
CA LYS B 210 4.69 -3.83 30.72
C LYS B 210 3.43 -4.50 31.27
N VAL B 211 2.74 -5.28 30.44
CA VAL B 211 1.53 -5.96 30.92
C VAL B 211 1.59 -7.47 30.75
N GLY B 212 1.03 -8.18 31.72
CA GLY B 212 1.02 -9.63 31.68
C GLY B 212 2.37 -10.22 32.06
N GLY B 213 2.43 -11.55 32.14
CA GLY B 213 3.69 -12.18 32.49
C GLY B 213 4.49 -12.42 31.22
N ASN B 214 5.72 -12.90 31.36
CA ASN B 214 6.56 -13.18 30.21
C ASN B 214 6.02 -14.39 29.44
N LEU B 215 6.17 -14.36 28.12
CA LEU B 215 5.69 -15.44 27.26
C LEU B 215 6.62 -16.64 27.24
N ASP B 216 7.88 -16.41 27.59
CA ASP B 216 8.85 -17.50 27.62
C ASP B 216 9.96 -17.20 28.62
N SER B 217 10.94 -18.09 28.72
CA SER B 217 12.05 -17.91 29.65
C SER B 217 13.37 -18.25 28.97
N LYS B 218 14.27 -17.27 28.89
CA LYS B 218 15.55 -17.51 28.26
C LYS B 218 16.61 -16.58 28.81
N GLY B 219 17.74 -16.48 28.11
CA GLY B 219 18.79 -15.61 28.61
C GLY B 219 19.71 -15.06 27.55
N TYR B 220 20.53 -14.09 27.95
CA TYR B 220 21.51 -13.49 27.07
C TYR B 220 22.86 -14.13 27.38
N GLY B 221 23.66 -14.31 26.35
CA GLY B 221 24.98 -14.88 26.54
C GLY B 221 25.98 -14.11 25.71
N ILE B 222 27.25 -14.17 26.11
CA ILE B 222 28.33 -13.52 25.40
C ILE B 222 28.67 -14.54 24.31
N ALA B 223 28.76 -14.09 23.07
CA ALA B 223 29.01 -15.00 21.97
C ALA B 223 30.40 -14.91 21.34
N THR B 224 30.93 -16.06 20.95
CA THR B 224 32.24 -16.14 20.30
C THR B 224 32.15 -17.09 19.11
N PRO B 225 33.02 -16.91 18.11
CA PRO B 225 33.01 -17.77 16.93
C PRO B 225 33.26 -19.21 17.39
N LYS B 226 32.66 -20.17 16.70
CA LYS B 226 32.85 -21.57 17.06
C LYS B 226 34.35 -21.86 17.03
N GLY B 227 34.83 -22.58 18.03
CA GLY B 227 36.25 -22.90 18.08
C GLY B 227 37.18 -21.78 18.49
N SER B 228 36.64 -20.69 19.03
CA SER B 228 37.46 -19.58 19.48
C SER B 228 38.29 -19.93 20.71
N SER B 229 39.44 -19.28 20.88
CA SER B 229 40.30 -19.54 22.03
C SER B 229 39.84 -18.75 23.26
N LEU B 230 38.81 -17.93 23.06
CA LEU B 230 38.26 -17.10 24.13
C LEU B 230 37.08 -17.77 24.83
N GLY B 231 36.41 -18.67 24.11
CA GLY B 231 35.24 -19.35 24.65
C GLY B 231 35.25 -19.83 26.08
N ASN B 232 36.13 -20.78 26.39
CA ASN B 232 36.20 -21.34 27.73
C ASN B 232 36.40 -20.30 28.83
N ALA B 233 37.36 -19.40 28.64
CA ALA B 233 37.64 -18.37 29.64
C ALA B 233 36.47 -17.41 29.86
N VAL B 234 35.84 -16.99 28.77
CA VAL B 234 34.70 -16.08 28.88
C VAL B 234 33.55 -16.74 29.63
N ASN B 235 33.32 -18.02 29.35
CA ASN B 235 32.25 -18.76 30.02
C ASN B 235 32.49 -18.80 31.54
N LEU B 236 33.69 -19.17 31.95
CA LEU B 236 34.00 -19.23 33.38
C LEU B 236 33.95 -17.84 34.02
N ALA B 237 34.34 -16.82 33.25
CA ALA B 237 34.34 -15.44 33.75
C ALA B 237 32.89 -14.99 34.03
N VAL B 238 31.96 -15.34 33.14
CA VAL B 238 30.56 -14.95 33.36
C VAL B 238 30.05 -15.56 34.67
N LEU B 239 30.36 -16.83 34.90
CA LEU B 239 29.91 -17.51 36.12
C LEU B 239 30.52 -16.84 37.35
N LYS B 240 31.77 -16.43 37.25
CA LYS B 240 32.43 -15.76 38.38
C LYS B 240 31.75 -14.42 38.65
N LEU B 241 31.50 -13.65 37.60
CA LEU B 241 30.87 -12.34 37.77
C LEU B 241 29.50 -12.46 38.44
N ASN B 242 28.72 -13.47 38.05
CA ASN B 242 27.41 -13.64 38.65
C ASN B 242 27.49 -13.97 40.14
N GLU B 243 28.36 -14.91 40.48
CA GLU B 243 28.51 -15.32 41.87
C GLU B 243 29.12 -14.26 42.78
N GLN B 244 29.79 -13.28 42.19
CA GLN B 244 30.39 -12.21 42.97
C GLN B 244 29.43 -11.03 43.13
N GLY B 245 28.23 -11.19 42.59
CA GLY B 245 27.23 -10.14 42.68
C GLY B 245 27.40 -8.98 41.72
N LEU B 246 28.41 -9.03 40.86
CA LEU B 246 28.63 -7.93 39.91
C LEU B 246 27.51 -7.72 38.91
N LEU B 247 26.97 -8.80 38.36
CA LEU B 247 25.90 -8.68 37.37
C LEU B 247 24.67 -8.04 38.03
N ASP B 248 24.38 -8.42 39.27
CA ASP B 248 23.25 -7.84 39.97
C ASP B 248 23.54 -6.36 40.24
N LYS B 249 24.81 -6.06 40.49
CA LYS B 249 25.23 -4.70 40.75
C LYS B 249 25.04 -3.82 39.51
N LEU B 250 25.45 -4.34 38.35
CA LEU B 250 25.30 -3.60 37.11
C LEU B 250 23.83 -3.42 36.73
N LYS B 251 23.02 -4.43 37.01
CA LYS B 251 21.59 -4.35 36.69
C LYS B 251 20.93 -3.20 37.45
N ASN B 252 21.20 -3.10 38.74
CA ASN B 252 20.60 -2.04 39.54
C ASN B 252 21.16 -0.67 39.20
N LYS B 253 22.41 -0.64 38.72
CA LYS B 253 23.05 0.60 38.33
C LYS B 253 22.46 1.20 37.06
N TRP B 254 22.14 0.35 36.09
CA TRP B 254 21.62 0.84 34.82
C TRP B 254 20.10 0.83 34.65
N TRP B 255 19.39 0.16 35.55
CA TRP B 255 17.93 0.12 35.43
C TRP B 255 17.19 0.98 36.42
N TYR B 256 17.32 0.65 37.69
CA TYR B 256 16.59 1.33 38.74
C TYR B 256 17.27 2.57 39.33
N ASP B 257 18.60 2.58 39.38
CA ASP B 257 19.29 3.77 39.88
C ASP B 257 19.18 4.85 38.80
N LYS B 258 18.79 4.42 37.59
CA LYS B 258 18.64 5.33 36.46
C LYS B 258 17.19 5.79 36.29
N GLY B 259 16.27 5.08 36.97
CA GLY B 259 14.86 5.42 36.89
C GLY B 259 14.52 6.89 36.90
N GLU B 260 13.61 7.29 36.00
CA GLU B 260 13.17 8.68 35.88
C GLU B 260 11.71 8.88 36.25
N CYS B 261 11.02 7.78 36.55
CA CYS B 261 9.59 7.86 36.88
C CYS B 261 9.30 7.65 38.36
N LYS C 4 -4.20 -11.95 -39.42
CA LYS C 4 -5.49 -12.71 -39.44
C LYS C 4 -6.46 -12.17 -38.39
N THR C 5 -7.72 -12.63 -38.45
CA THR C 5 -8.75 -12.19 -37.53
C THR C 5 -8.45 -12.51 -36.07
N VAL C 6 -8.54 -11.49 -35.22
CA VAL C 6 -8.30 -11.63 -33.79
C VAL C 6 -9.54 -12.18 -33.11
N VAL C 7 -9.36 -13.26 -32.36
CA VAL C 7 -10.47 -13.86 -31.64
C VAL C 7 -10.65 -13.12 -30.30
N VAL C 8 -11.80 -12.49 -30.14
CA VAL C 8 -12.09 -11.75 -28.93
C VAL C 8 -13.05 -12.56 -28.05
N THR C 9 -12.65 -12.82 -26.82
CA THR C 9 -13.55 -13.53 -25.92
C THR C 9 -14.22 -12.47 -25.07
N THR C 10 -15.51 -12.64 -24.84
CA THR C 10 -16.25 -11.70 -24.02
C THR C 10 -17.37 -12.46 -23.35
N ILE C 11 -18.18 -11.76 -22.57
CA ILE C 11 -19.24 -12.41 -21.83
C ILE C 11 -20.56 -11.66 -21.97
N LEU C 12 -21.67 -12.40 -21.98
CA LEU C 12 -22.97 -11.78 -22.09
C LEU C 12 -23.32 -11.21 -20.73
N GLU C 13 -23.15 -9.89 -20.60
CA GLU C 13 -23.39 -9.17 -19.37
C GLU C 13 -23.85 -7.76 -19.75
N SER C 14 -25.13 -7.46 -19.56
CA SER C 14 -25.66 -6.14 -19.90
C SER C 14 -25.06 -5.11 -18.95
N PRO C 15 -24.74 -3.90 -19.45
CA PRO C 15 -24.88 -3.41 -20.82
C PRO C 15 -23.59 -3.53 -21.63
N TYR C 16 -22.66 -4.36 -21.16
CA TYR C 16 -21.37 -4.55 -21.82
C TYR C 16 -21.53 -5.30 -23.15
N VAL C 17 -22.22 -6.44 -23.10
CA VAL C 17 -22.46 -7.24 -24.28
C VAL C 17 -23.83 -7.90 -24.18
N MET C 18 -24.69 -7.61 -25.17
CA MET C 18 -26.05 -8.14 -25.20
C MET C 18 -26.41 -8.46 -26.65
N MET C 19 -27.29 -9.45 -26.84
CA MET C 19 -27.74 -9.79 -28.18
C MET C 19 -28.76 -8.72 -28.58
N LYS C 20 -28.67 -8.22 -29.81
CA LYS C 20 -29.60 -7.21 -30.30
C LYS C 20 -31.01 -7.77 -30.35
N LYS C 21 -32.01 -6.88 -30.40
CA LYS C 21 -33.40 -7.31 -30.46
C LYS C 21 -33.65 -8.25 -31.63
N ASN C 22 -33.06 -7.92 -32.78
CA ASN C 22 -33.22 -8.70 -34.00
C ASN C 22 -31.98 -9.54 -34.36
N HIS C 23 -31.28 -10.06 -33.36
CA HIS C 23 -30.09 -10.85 -33.60
C HIS C 23 -30.28 -12.07 -34.51
N GLU C 24 -31.46 -12.70 -34.44
CA GLU C 24 -31.72 -13.89 -35.26
C GLU C 24 -31.55 -13.68 -36.77
N MET C 25 -31.69 -12.44 -37.20
CA MET C 25 -31.55 -12.10 -38.61
C MET C 25 -30.18 -11.46 -38.91
N LEU C 26 -29.29 -11.47 -37.93
CA LEU C 26 -27.97 -10.87 -38.10
C LEU C 26 -26.86 -11.91 -38.01
N GLU C 27 -25.66 -11.56 -38.45
CA GLU C 27 -24.53 -12.48 -38.42
C GLU C 27 -23.26 -11.88 -37.84
N GLY C 28 -22.37 -12.75 -37.38
CA GLY C 28 -21.10 -12.32 -36.81
C GLY C 28 -21.22 -11.30 -35.69
N ASN C 29 -20.32 -10.33 -35.69
CA ASN C 29 -20.30 -9.30 -34.65
C ASN C 29 -21.56 -8.43 -34.64
N GLU C 30 -22.30 -8.43 -35.75
CA GLU C 30 -23.51 -7.62 -35.87
C GLU C 30 -24.63 -8.07 -34.91
N ARG C 31 -24.56 -9.31 -34.44
CA ARG C 31 -25.57 -9.85 -33.54
C ARG C 31 -25.57 -9.20 -32.16
N TYR C 32 -24.45 -8.57 -31.79
CA TYR C 32 -24.30 -7.97 -30.47
C TYR C 32 -24.21 -6.46 -30.42
N GLU C 33 -24.48 -5.93 -29.23
CA GLU C 33 -24.40 -4.50 -28.98
C GLU C 33 -24.07 -4.31 -27.50
N GLY C 34 -23.50 -3.15 -27.16
CA GLY C 34 -23.16 -2.91 -25.77
C GLY C 34 -21.89 -2.09 -25.66
N TYR C 35 -21.54 -1.73 -24.44
CA TYR C 35 -20.35 -0.94 -24.17
C TYR C 35 -19.07 -1.60 -24.71
N CYS C 36 -18.88 -2.88 -24.41
CA CYS C 36 -17.68 -3.57 -24.87
C CYS C 36 -17.71 -3.85 -26.36
N VAL C 37 -18.90 -3.92 -26.94
CA VAL C 37 -19.02 -4.14 -28.37
C VAL C 37 -18.50 -2.86 -29.06
N ASP C 38 -18.87 -1.71 -28.51
CA ASP C 38 -18.43 -0.43 -29.06
C ASP C 38 -16.93 -0.25 -28.82
N LEU C 39 -16.48 -0.62 -27.64
CA LEU C 39 -15.06 -0.52 -27.29
C LEU C 39 -14.22 -1.40 -28.22
N ALA C 40 -14.68 -2.61 -28.48
CA ALA C 40 -13.95 -3.53 -29.35
C ALA C 40 -13.79 -2.92 -30.75
N ALA C 41 -14.85 -2.29 -31.25
CA ALA C 41 -14.83 -1.67 -32.57
C ALA C 41 -13.84 -0.50 -32.61
N GLU C 42 -13.82 0.29 -31.54
CA GLU C 42 -12.92 1.42 -31.45
C GLU C 42 -11.46 0.96 -31.42
N ILE C 43 -11.19 -0.07 -30.62
CA ILE C 43 -9.84 -0.60 -30.50
C ILE C 43 -9.34 -1.25 -31.78
N ALA C 44 -10.21 -2.01 -32.44
CA ALA C 44 -9.85 -2.68 -33.68
C ALA C 44 -9.54 -1.65 -34.75
N LYS C 45 -10.23 -0.52 -34.70
CA LYS C 45 -10.03 0.55 -35.67
C LYS C 45 -8.69 1.25 -35.48
N HIS C 46 -8.36 1.57 -34.24
CA HIS C 46 -7.11 2.25 -33.92
C HIS C 46 -5.88 1.35 -34.00
N CYS C 47 -6.07 0.06 -33.79
CA CYS C 47 -4.94 -0.86 -33.86
C CYS C 47 -4.91 -1.51 -35.23
N GLY C 48 -5.93 -1.21 -36.03
CA GLY C 48 -6.03 -1.72 -37.38
C GLY C 48 -6.10 -3.21 -37.60
N PHE C 49 -7.06 -3.88 -36.96
CA PHE C 49 -7.19 -5.32 -37.15
C PHE C 49 -8.64 -5.79 -37.26
N LYS C 50 -8.83 -6.95 -37.86
CA LYS C 50 -10.14 -7.57 -38.03
C LYS C 50 -10.35 -8.47 -36.82
N TYR C 51 -11.58 -8.59 -36.35
CA TYR C 51 -11.84 -9.42 -35.18
C TYR C 51 -13.17 -10.16 -35.21
N LYS C 52 -13.27 -11.17 -34.35
CA LYS C 52 -14.47 -11.98 -34.24
C LYS C 52 -14.85 -12.07 -32.76
N LEU C 53 -16.04 -11.58 -32.43
CA LEU C 53 -16.51 -11.64 -31.05
C LEU C 53 -17.04 -13.03 -30.76
N THR C 54 -16.59 -13.61 -29.64
CA THR C 54 -17.06 -14.93 -29.24
C THR C 54 -17.42 -14.88 -27.75
N ILE C 55 -18.48 -15.58 -27.39
CA ILE C 55 -18.93 -15.59 -26.01
C ILE C 55 -18.23 -16.73 -25.28
N VAL C 56 -17.60 -16.39 -24.16
CA VAL C 56 -16.87 -17.37 -23.35
C VAL C 56 -17.74 -18.62 -23.14
N GLY C 57 -17.16 -19.78 -23.40
CA GLY C 57 -17.88 -21.02 -23.30
C GLY C 57 -18.56 -21.39 -21.99
N ASP C 58 -17.87 -21.21 -20.86
CA ASP C 58 -18.47 -21.56 -19.58
C ASP C 58 -19.15 -20.40 -18.87
N GLY C 59 -19.27 -19.28 -19.58
CA GLY C 59 -19.92 -18.09 -19.05
C GLY C 59 -19.34 -17.51 -17.76
N LYS C 60 -18.05 -17.70 -17.55
CA LYS C 60 -17.41 -17.19 -16.33
C LYS C 60 -16.34 -16.15 -16.61
N TYR C 61 -16.02 -15.35 -15.59
CA TYR C 61 -14.99 -14.34 -15.75
C TYR C 61 -13.64 -15.04 -15.66
N GLY C 62 -13.40 -15.77 -14.57
CA GLY C 62 -12.13 -16.48 -14.47
C GLY C 62 -11.55 -16.66 -13.09
N ALA C 63 -11.39 -17.91 -12.68
CA ALA C 63 -10.82 -18.25 -11.38
C ALA C 63 -10.03 -19.54 -11.55
N ARG C 64 -9.10 -19.79 -10.64
CA ARG C 64 -8.26 -20.97 -10.71
C ARG C 64 -8.75 -22.07 -9.78
N ASP C 65 -8.89 -23.26 -10.34
CA ASP C 65 -9.33 -24.42 -9.57
C ASP C 65 -8.20 -24.78 -8.60
N ALA C 66 -8.47 -24.74 -7.30
CA ALA C 66 -7.45 -25.04 -6.30
C ALA C 66 -6.92 -26.47 -6.39
N ASP C 67 -7.77 -27.38 -6.86
CA ASP C 67 -7.42 -28.78 -6.99
C ASP C 67 -6.50 -29.04 -8.19
N THR C 68 -6.98 -28.69 -9.37
CA THR C 68 -6.23 -28.89 -10.62
C THR C 68 -5.29 -27.75 -11.00
N LYS C 69 -5.60 -26.55 -10.52
CA LYS C 69 -4.82 -25.35 -10.81
C LYS C 69 -5.12 -24.86 -12.24
N ILE C 70 -6.22 -25.37 -12.81
CA ILE C 70 -6.64 -24.99 -14.16
C ILE C 70 -7.58 -23.79 -14.15
N TRP C 71 -7.28 -22.79 -14.98
CA TRP C 71 -8.11 -21.59 -15.06
C TRP C 71 -9.35 -21.76 -15.93
N ASN C 72 -10.47 -21.19 -15.49
CA ASN C 72 -11.70 -21.25 -16.27
C ASN C 72 -12.04 -19.84 -16.76
N GLY C 73 -13.22 -19.69 -17.35
CA GLY C 73 -13.66 -18.40 -17.84
C GLY C 73 -12.82 -17.75 -18.93
N MET C 74 -12.96 -16.44 -19.07
CA MET C 74 -12.20 -15.73 -20.10
C MET C 74 -10.71 -15.79 -19.82
N VAL C 75 -10.33 -15.74 -18.55
CA VAL C 75 -8.92 -15.82 -18.20
C VAL C 75 -8.37 -17.14 -18.77
N GLY C 76 -9.12 -18.23 -18.57
CA GLY C 76 -8.71 -19.52 -19.09
C GLY C 76 -8.56 -19.56 -20.61
N GLU C 77 -9.50 -18.95 -21.33
CA GLU C 77 -9.41 -18.96 -22.79
C GLU C 77 -8.14 -18.26 -23.27
N LEU C 78 -7.69 -17.27 -22.52
CA LEU C 78 -6.47 -16.56 -22.86
C LEU C 78 -5.25 -17.41 -22.47
N VAL C 79 -5.27 -17.90 -21.24
CA VAL C 79 -4.17 -18.72 -20.72
C VAL C 79 -3.87 -19.93 -21.59
N TYR C 80 -4.91 -20.58 -22.10
CA TYR C 80 -4.74 -21.77 -22.92
C TYR C 80 -4.77 -21.54 -24.43
N GLY C 81 -4.72 -20.29 -24.85
CA GLY C 81 -4.69 -19.98 -26.26
C GLY C 81 -5.96 -20.20 -27.06
N LYS C 82 -7.11 -20.13 -26.41
CA LYS C 82 -8.39 -20.32 -27.09
C LYS C 82 -8.89 -18.96 -27.60
N ALA C 83 -8.33 -17.89 -27.06
CA ALA C 83 -8.70 -16.53 -27.45
C ALA C 83 -7.45 -15.65 -27.50
N ASP C 84 -7.51 -14.59 -28.30
CA ASP C 84 -6.39 -13.67 -28.46
C ASP C 84 -6.48 -12.45 -27.54
N ILE C 85 -7.71 -12.07 -27.20
CA ILE C 85 -7.91 -10.90 -26.36
C ILE C 85 -9.27 -10.96 -25.69
N ALA C 86 -9.36 -10.41 -24.49
CA ALA C 86 -10.63 -10.38 -23.78
C ALA C 86 -11.01 -8.93 -23.59
N ILE C 87 -12.21 -8.60 -24.05
CA ILE C 87 -12.75 -7.25 -23.95
C ILE C 87 -14.07 -7.45 -23.22
N ALA C 88 -14.06 -7.18 -21.91
CA ALA C 88 -15.23 -7.37 -21.07
C ALA C 88 -15.00 -6.70 -19.73
N PRO C 89 -16.00 -6.70 -18.84
CA PRO C 89 -15.85 -6.08 -17.51
C PRO C 89 -15.07 -7.05 -16.62
N LEU C 90 -13.81 -7.30 -17.02
CA LEU C 90 -12.92 -8.22 -16.31
C LEU C 90 -12.02 -7.43 -15.37
N THR C 91 -12.12 -7.73 -14.08
CA THR C 91 -11.35 -7.02 -13.07
C THR C 91 -9.86 -7.35 -12.98
N ILE C 92 -9.06 -6.28 -12.89
CA ILE C 92 -7.62 -6.40 -12.77
C ILE C 92 -7.31 -6.85 -11.34
N THR C 93 -6.69 -8.01 -11.19
CA THR C 93 -6.34 -8.54 -9.88
C THR C 93 -4.95 -9.17 -9.91
N LEU C 94 -4.37 -9.35 -8.73
CA LEU C 94 -3.04 -9.94 -8.61
C LEU C 94 -2.95 -11.37 -9.16
N VAL C 95 -3.86 -12.25 -8.76
CA VAL C 95 -3.82 -13.62 -9.24
C VAL C 95 -3.96 -13.73 -10.76
N ARG C 96 -4.73 -12.83 -11.36
CA ARG C 96 -4.91 -12.84 -12.82
C ARG C 96 -3.69 -12.21 -13.51
N GLU C 97 -3.18 -11.13 -12.94
CA GLU C 97 -2.02 -10.43 -13.50
C GLU C 97 -0.81 -11.36 -13.55
N GLU C 98 -0.79 -12.38 -12.70
CA GLU C 98 0.31 -13.34 -12.67
C GLU C 98 0.27 -14.29 -13.86
N VAL C 99 -0.88 -14.45 -14.51
CA VAL C 99 -0.99 -15.36 -15.64
C VAL C 99 -1.36 -14.72 -16.99
N ILE C 100 -1.93 -13.52 -16.97
CA ILE C 100 -2.28 -12.81 -18.20
C ILE C 100 -1.91 -11.34 -18.06
N ASP C 101 -1.93 -10.61 -19.17
CA ASP C 101 -1.61 -9.19 -19.18
C ASP C 101 -2.88 -8.35 -19.23
N PHE C 102 -2.84 -7.18 -18.58
CA PHE C 102 -3.97 -6.26 -18.53
C PHE C 102 -3.53 -4.88 -18.98
N SER C 103 -4.40 -4.18 -19.70
CA SER C 103 -4.08 -2.81 -20.12
C SER C 103 -4.42 -1.96 -18.89
N LYS C 104 -4.09 -0.68 -18.95
CA LYS C 104 -4.43 0.21 -17.87
C LYS C 104 -5.96 0.18 -17.89
N PRO C 105 -6.62 0.39 -16.74
CA PRO C 105 -8.09 0.36 -16.66
C PRO C 105 -8.89 1.25 -17.60
N PHE C 106 -9.99 0.71 -18.13
CA PHE C 106 -10.86 1.49 -19.02
C PHE C 106 -12.09 1.90 -18.23
N MET C 107 -12.18 1.42 -16.99
CA MET C 107 -13.28 1.75 -16.11
C MET C 107 -12.86 1.53 -14.66
N SER C 108 -13.22 2.47 -13.79
CA SER C 108 -12.90 2.38 -12.37
C SER C 108 -14.16 2.04 -11.59
N LEU C 109 -14.05 1.13 -10.64
CA LEU C 109 -15.20 0.72 -9.86
C LEU C 109 -14.82 0.09 -8.53
N GLY C 110 -15.81 -0.44 -7.84
CA GLY C 110 -15.55 -1.09 -6.57
C GLY C 110 -16.72 -1.98 -6.17
N ILE C 111 -16.47 -2.91 -5.25
CA ILE C 111 -17.52 -3.81 -4.79
C ILE C 111 -18.57 -2.96 -4.05
N SER C 112 -19.84 -3.25 -4.33
CA SER C 112 -20.93 -2.50 -3.70
C SER C 112 -22.04 -3.43 -3.25
N ILE C 113 -23.01 -2.87 -2.55
CA ILE C 113 -24.13 -3.64 -2.03
C ILE C 113 -25.44 -3.33 -2.75
N MET C 114 -26.15 -4.36 -3.20
CA MET C 114 -27.44 -4.18 -3.87
C MET C 114 -28.54 -4.72 -2.97
N ILE C 115 -29.53 -3.89 -2.68
CA ILE C 115 -30.65 -4.29 -1.84
C ILE C 115 -31.97 -4.05 -2.58
N LYS C 116 -33.02 -4.72 -2.13
CA LYS C 116 -34.34 -4.48 -2.72
C LYS C 116 -34.78 -3.24 -1.96
N LYS C 117 -35.39 -2.28 -2.65
CA LYS C 117 -35.81 -1.06 -1.98
C LYS C 117 -36.54 -1.33 -0.67
N GLY C 118 -36.11 -0.64 0.39
CA GLY C 118 -36.75 -0.81 1.67
C GLY C 118 -36.08 -1.76 2.65
N THR C 119 -35.11 -2.57 2.23
CA THR C 119 -34.48 -3.48 3.20
C THR C 119 -33.61 -2.68 4.15
N PRO C 120 -33.67 -3.02 5.45
CA PRO C 120 -32.93 -2.40 6.56
C PRO C 120 -31.42 -2.56 6.50
N ILE C 121 -30.79 -2.15 5.41
CA ILE C 121 -29.33 -2.28 5.28
C ILE C 121 -28.74 -1.04 4.61
N GLU C 122 -27.68 -0.48 5.20
CA GLU C 122 -27.05 0.69 4.62
C GLU C 122 -25.53 0.55 4.49
N SER C 123 -25.00 -0.59 4.91
CA SER C 123 -23.55 -0.82 4.83
C SER C 123 -23.16 -2.28 5.03
N ALA C 124 -21.91 -2.58 4.70
CA ALA C 124 -21.37 -3.93 4.84
C ALA C 124 -21.40 -4.31 6.31
N GLU C 125 -21.11 -3.35 7.18
CA GLU C 125 -21.13 -3.60 8.61
C GLU C 125 -22.52 -4.05 9.03
N ASP C 126 -23.55 -3.44 8.44
CA ASP C 126 -24.93 -3.79 8.75
C ASP C 126 -25.27 -5.24 8.39
N LEU C 127 -24.73 -5.71 7.28
CA LEU C 127 -25.00 -7.08 6.84
C LEU C 127 -24.34 -8.11 7.76
N SER C 128 -23.13 -7.81 8.20
CA SER C 128 -22.36 -8.72 9.06
C SER C 128 -22.87 -8.82 10.50
N LYS C 129 -23.87 -8.01 10.85
CA LYS C 129 -24.42 -8.02 12.20
C LYS C 129 -25.83 -8.60 12.27
N GLN C 130 -26.27 -9.20 11.17
CA GLN C 130 -27.61 -9.80 11.11
C GLN C 130 -27.58 -11.12 10.38
N THR C 131 -28.67 -11.89 10.52
CA THR C 131 -28.79 -13.19 9.88
C THR C 131 -30.10 -13.35 9.13
N GLU C 132 -31.06 -12.47 9.39
CA GLU C 132 -32.35 -12.54 8.72
C GLU C 132 -32.16 -12.31 7.22
N ILE C 133 -31.22 -11.44 6.89
CA ILE C 133 -30.94 -11.11 5.50
C ILE C 133 -29.67 -11.82 4.99
N ALA C 134 -29.86 -12.76 4.08
CA ALA C 134 -28.73 -13.49 3.50
C ALA C 134 -28.09 -12.62 2.43
N TYR C 135 -26.84 -12.94 2.08
CA TYR C 135 -26.11 -12.19 1.07
C TYR C 135 -24.99 -13.03 0.47
N GLY C 136 -24.69 -12.78 -0.80
CA GLY C 136 -23.65 -13.54 -1.47
C GLY C 136 -22.98 -12.76 -2.58
N THR C 137 -22.22 -13.47 -3.41
CA THR C 137 -21.50 -12.87 -4.53
C THR C 137 -21.50 -13.82 -5.73
N LEU C 138 -20.95 -13.34 -6.83
CA LEU C 138 -20.84 -14.11 -8.06
C LEU C 138 -19.75 -15.16 -7.87
N ASP C 139 -19.91 -16.31 -8.50
CA ASP C 139 -18.93 -17.39 -8.42
C ASP C 139 -17.84 -17.20 -9.46
N SER C 140 -16.67 -17.77 -9.18
CA SER C 140 -15.54 -17.73 -10.11
C SER C 140 -15.11 -16.33 -10.52
N GLY C 141 -15.10 -15.39 -9.57
CA GLY C 141 -14.70 -14.03 -9.89
C GLY C 141 -13.86 -13.33 -8.84
N SER C 142 -13.55 -12.07 -9.12
CA SER C 142 -12.76 -11.23 -8.25
C SER C 142 -13.46 -10.83 -6.95
N THR C 143 -14.78 -10.73 -6.99
CA THR C 143 -15.53 -10.35 -5.80
C THR C 143 -15.49 -11.46 -4.75
N LYS C 144 -15.67 -12.71 -5.18
CA LYS C 144 -15.64 -13.81 -4.23
C LYS C 144 -14.23 -13.94 -3.65
N GLU C 145 -13.22 -13.76 -4.49
CA GLU C 145 -11.83 -13.85 -4.04
C GLU C 145 -11.55 -12.76 -3.01
N PHE C 146 -12.10 -11.57 -3.24
CA PHE C 146 -11.91 -10.45 -2.32
C PHE C 146 -12.27 -10.82 -0.88
N PHE C 147 -13.45 -11.37 -0.69
CA PHE C 147 -13.92 -11.75 0.64
C PHE C 147 -13.17 -12.95 1.21
N ARG C 148 -12.80 -13.86 0.33
CA ARG C 148 -12.07 -15.06 0.72
C ARG C 148 -10.69 -14.67 1.26
N ARG C 149 -10.10 -13.65 0.64
CA ARG C 149 -8.77 -13.18 1.00
C ARG C 149 -8.75 -11.89 1.82
N SER C 150 -9.84 -11.61 2.54
CA SER C 150 -9.92 -10.39 3.34
C SER C 150 -9.62 -10.60 4.82
N LYS C 151 -8.69 -9.80 5.35
CA LYS C 151 -8.31 -9.89 6.75
C LYS C 151 -8.96 -8.81 7.61
N ILE C 152 -9.66 -7.87 6.96
CA ILE C 152 -10.33 -6.81 7.70
C ILE C 152 -11.60 -7.36 8.36
N ALA C 153 -11.69 -7.18 9.67
CA ALA C 153 -12.79 -7.65 10.50
C ALA C 153 -14.16 -7.90 9.85
N VAL C 154 -14.82 -6.84 9.40
CA VAL C 154 -16.13 -6.96 8.78
C VAL C 154 -16.20 -7.92 7.61
N PHE C 155 -15.31 -7.76 6.64
CA PHE C 155 -15.32 -8.62 5.46
C PHE C 155 -14.99 -10.06 5.81
N ASP C 156 -14.11 -10.25 6.80
CA ASP C 156 -13.70 -11.59 7.22
C ASP C 156 -14.93 -12.32 7.79
N LYS C 157 -15.68 -11.63 8.65
CA LYS C 157 -16.87 -12.22 9.25
C LYS C 157 -17.91 -12.52 8.16
N MET C 158 -17.98 -11.66 7.15
CA MET C 158 -18.92 -11.85 6.07
C MET C 158 -18.58 -13.13 5.30
N TRP C 159 -17.29 -13.35 5.06
CA TRP C 159 -16.84 -14.54 4.34
C TRP C 159 -17.14 -15.80 5.14
N THR C 160 -16.88 -15.74 6.44
CA THR C 160 -17.13 -16.89 7.31
C THR C 160 -18.57 -17.35 7.13
N TYR C 161 -19.50 -16.39 7.08
CA TYR C 161 -20.91 -16.69 6.91
C TYR C 161 -21.24 -17.17 5.50
N MET C 162 -20.73 -16.47 4.49
CA MET C 162 -21.01 -16.82 3.11
C MET C 162 -20.45 -18.17 2.66
N ARG C 163 -19.19 -18.44 2.99
CA ARG C 163 -18.57 -19.68 2.58
C ARG C 163 -19.21 -20.94 3.18
N SER C 164 -20.02 -20.77 4.21
CA SER C 164 -20.67 -21.91 4.87
C SER C 164 -22.18 -21.91 4.68
N ALA C 165 -22.74 -20.76 4.33
CA ALA C 165 -24.17 -20.60 4.14
C ALA C 165 -24.84 -21.76 3.38
N GLU C 166 -26.06 -22.09 3.79
CA GLU C 166 -26.83 -23.17 3.18
C GLU C 166 -28.32 -22.80 3.25
N PRO C 167 -29.00 -22.75 2.09
CA PRO C 167 -28.48 -23.02 0.75
C PRO C 167 -27.40 -22.01 0.37
N SER C 168 -26.65 -22.33 -0.69
CA SER C 168 -25.58 -21.46 -1.17
C SER C 168 -26.07 -20.04 -1.46
N VAL C 169 -25.28 -19.05 -1.08
CA VAL C 169 -25.62 -17.66 -1.30
C VAL C 169 -24.91 -17.12 -2.54
N PHE C 170 -24.12 -17.98 -3.19
CA PHE C 170 -23.39 -17.60 -4.39
C PHE C 170 -24.23 -17.87 -5.63
N VAL C 171 -23.95 -17.13 -6.71
CA VAL C 171 -24.69 -17.28 -7.96
C VAL C 171 -23.76 -17.43 -9.17
N ARG C 172 -24.26 -18.06 -10.24
CA ARG C 172 -23.46 -18.29 -11.44
C ARG C 172 -23.34 -17.07 -12.35
N THR C 173 -24.35 -16.20 -12.32
CA THR C 173 -24.33 -15.01 -13.15
C THR C 173 -24.90 -13.81 -12.39
N THR C 174 -24.50 -12.62 -12.82
CA THR C 174 -24.98 -11.39 -12.22
C THR C 174 -26.50 -11.38 -12.27
N ALA C 175 -27.03 -11.76 -13.43
CA ALA C 175 -28.47 -11.81 -13.63
C ALA C 175 -29.15 -12.65 -12.55
N GLU C 176 -28.53 -13.76 -12.19
CA GLU C 176 -29.07 -14.67 -11.16
C GLU C 176 -29.09 -13.98 -9.79
N GLY C 177 -28.05 -13.22 -9.50
CA GLY C 177 -28.00 -12.52 -8.23
C GLY C 177 -29.05 -11.42 -8.16
N VAL C 178 -29.21 -10.69 -9.25
CA VAL C 178 -30.19 -9.61 -9.30
C VAL C 178 -31.61 -10.16 -9.18
N ALA C 179 -31.88 -11.24 -9.90
CA ALA C 179 -33.20 -11.87 -9.86
C ALA C 179 -33.52 -12.30 -8.43
N ARG C 180 -32.53 -12.87 -7.75
CA ARG C 180 -32.70 -13.34 -6.38
C ARG C 180 -33.04 -12.21 -5.40
N VAL C 181 -32.38 -11.07 -5.55
CA VAL C 181 -32.66 -9.91 -4.69
C VAL C 181 -34.10 -9.47 -4.88
N ARG C 182 -34.51 -9.37 -6.13
CA ARG C 182 -35.86 -8.94 -6.48
C ARG C 182 -36.98 -9.83 -5.99
N LYS C 183 -36.77 -11.14 -6.01
CA LYS C 183 -37.80 -12.09 -5.58
C LYS C 183 -37.68 -12.54 -4.13
N SER C 184 -36.69 -12.03 -3.41
CA SER C 184 -36.49 -12.42 -2.02
C SER C 184 -37.20 -11.55 -0.99
N LYS C 185 -38.09 -10.69 -1.44
CA LYS C 185 -38.84 -9.82 -0.53
C LYS C 185 -37.91 -9.05 0.40
N GLY C 186 -36.65 -8.93 0.00
CA GLY C 186 -35.68 -8.19 0.81
C GLY C 186 -34.85 -9.00 1.78
N LYS C 187 -34.94 -10.33 1.70
CA LYS C 187 -34.18 -11.20 2.59
C LYS C 187 -32.83 -11.61 1.99
N TYR C 188 -32.51 -11.03 0.84
CA TYR C 188 -31.24 -11.31 0.17
C TYR C 188 -30.64 -10.02 -0.37
N ALA C 189 -29.35 -9.84 -0.12
CA ALA C 189 -28.61 -8.67 -0.59
C ALA C 189 -27.50 -9.25 -1.46
N TYR C 190 -27.22 -8.60 -2.59
CA TYR C 190 -26.20 -9.11 -3.50
C TYR C 190 -24.99 -8.18 -3.56
N LEU C 191 -23.81 -8.77 -3.45
CA LEU C 191 -22.55 -8.02 -3.51
C LEU C 191 -22.02 -8.09 -4.93
N LEU C 192 -21.98 -6.93 -5.59
CA LEU C 192 -21.49 -6.86 -6.96
C LEU C 192 -20.79 -5.53 -7.18
N GLU C 193 -20.08 -5.42 -8.31
CA GLU C 193 -19.36 -4.18 -8.61
C GLU C 193 -20.32 -3.02 -8.89
N SER C 194 -19.92 -1.83 -8.43
CA SER C 194 -20.71 -0.61 -8.57
C SER C 194 -21.24 -0.34 -9.97
N THR C 195 -20.44 -0.64 -10.98
CA THR C 195 -20.83 -0.43 -12.38
C THR C 195 -22.17 -1.12 -12.67
N MET C 196 -22.24 -2.41 -12.35
CA MET C 196 -23.46 -3.18 -12.58
C MET C 196 -24.59 -2.71 -11.68
N ASN C 197 -24.28 -2.47 -10.40
CA ASN C 197 -25.27 -2.01 -9.43
C ASN C 197 -25.96 -0.74 -9.94
N GLU C 198 -25.16 0.25 -10.33
CA GLU C 198 -25.67 1.53 -10.83
C GLU C 198 -26.50 1.36 -12.09
N TYR C 199 -26.11 0.40 -12.94
CA TYR C 199 -26.83 0.14 -14.16
C TYR C 199 -28.22 -0.42 -13.87
N ILE C 200 -28.27 -1.49 -13.07
CA ILE C 200 -29.52 -2.15 -12.71
C ILE C 200 -30.47 -1.20 -11.99
N GLU C 201 -29.89 -0.33 -11.18
CA GLU C 201 -30.66 0.66 -10.43
C GLU C 201 -31.45 1.57 -11.37
N GLN C 202 -30.99 1.67 -12.61
CA GLN C 202 -31.64 2.52 -13.61
C GLN C 202 -32.53 1.75 -14.59
N ARG C 203 -32.87 0.51 -14.27
CA ARG C 203 -33.71 -0.28 -15.15
C ARG C 203 -34.97 -0.77 -14.45
N LYS C 204 -36.05 -0.93 -15.20
CA LYS C 204 -37.31 -1.40 -14.64
C LYS C 204 -37.08 -2.80 -14.08
N PRO C 205 -37.87 -3.20 -13.07
CA PRO C 205 -38.95 -2.44 -12.43
C PRO C 205 -38.49 -1.39 -11.41
N CYS C 206 -37.24 -0.98 -11.49
CA CYS C 206 -36.69 0.05 -10.60
C CYS C 206 -36.94 -0.29 -9.13
N ASP C 207 -36.70 -1.54 -8.74
CA ASP C 207 -36.95 -1.95 -7.37
C ASP C 207 -35.70 -2.27 -6.54
N THR C 208 -34.53 -1.93 -7.05
CA THR C 208 -33.28 -2.17 -6.32
C THR C 208 -32.53 -0.86 -6.18
N MET C 209 -31.51 -0.85 -5.32
CA MET C 209 -30.69 0.34 -5.15
C MET C 209 -29.35 0.02 -4.52
N LYS C 210 -28.35 0.81 -4.87
CA LYS C 210 -27.01 0.64 -4.33
C LYS C 210 -26.97 1.39 -3.00
N VAL C 211 -26.47 0.73 -1.95
CA VAL C 211 -26.39 1.37 -0.65
C VAL C 211 -24.98 1.34 -0.08
N GLY C 212 -24.59 2.43 0.57
CA GLY C 212 -23.27 2.52 1.16
C GLY C 212 -22.22 2.86 0.12
N GLY C 213 -20.98 3.07 0.57
CA GLY C 213 -19.91 3.38 -0.34
C GLY C 213 -19.26 2.11 -0.85
N ASN C 214 -18.40 2.21 -1.86
CA ASN C 214 -17.74 1.03 -2.39
C ASN C 214 -16.79 0.46 -1.34
N LEU C 215 -16.65 -0.87 -1.34
CA LEU C 215 -15.79 -1.54 -0.38
C LEU C 215 -14.32 -1.50 -0.75
N ASP C 216 -14.04 -1.22 -2.03
CA ASP C 216 -12.68 -1.13 -2.54
C ASP C 216 -12.67 -0.29 -3.81
N SER C 217 -11.47 -0.07 -4.36
CA SER C 217 -11.32 0.72 -5.58
C SER C 217 -10.42 -0.04 -6.55
N LYS C 218 -10.92 -0.30 -7.75
CA LYS C 218 -10.14 -1.02 -8.74
C LYS C 218 -10.64 -0.73 -10.13
N GLY C 219 -10.22 -1.54 -11.09
CA GLY C 219 -10.65 -1.30 -12.46
C GLY C 219 -10.71 -2.50 -13.38
N TYR C 220 -11.31 -2.29 -14.54
CA TYR C 220 -11.41 -3.32 -15.56
C TYR C 220 -10.34 -3.05 -16.60
N GLY C 221 -9.71 -4.10 -17.09
CA GLY C 221 -8.69 -3.91 -18.11
C GLY C 221 -8.91 -4.87 -19.27
N ILE C 222 -8.39 -4.53 -20.44
CA ILE C 222 -8.48 -5.40 -21.60
C ILE C 222 -7.34 -6.39 -21.36
N ALA C 223 -7.65 -7.68 -21.46
CA ALA C 223 -6.65 -8.70 -21.19
C ALA C 223 -6.14 -9.44 -22.42
N THR C 224 -4.85 -9.73 -22.40
CA THR C 224 -4.20 -10.45 -23.49
C THR C 224 -3.31 -11.52 -22.88
N PRO C 225 -3.05 -12.61 -23.62
CA PRO C 225 -2.19 -13.64 -23.05
C PRO C 225 -0.79 -13.08 -22.80
N LYS C 226 -0.08 -13.67 -21.85
CA LYS C 226 1.27 -13.24 -21.51
C LYS C 226 2.16 -13.25 -22.75
N GLY C 227 2.88 -12.16 -22.99
CA GLY C 227 3.76 -12.08 -24.14
C GLY C 227 3.04 -11.97 -25.48
N SER C 228 1.91 -11.28 -25.49
CA SER C 228 1.15 -11.11 -26.71
C SER C 228 1.68 -9.90 -27.50
N SER C 229 1.53 -9.94 -28.81
CA SER C 229 1.99 -8.86 -29.67
C SER C 229 0.98 -7.71 -29.71
N LEU C 230 -0.21 -7.94 -29.15
CA LEU C 230 -1.27 -6.94 -29.12
C LEU C 230 -1.23 -6.12 -27.83
N GLY C 231 -0.67 -6.73 -26.79
CA GLY C 231 -0.59 -6.08 -25.49
C GLY C 231 -0.23 -4.61 -25.47
N ASN C 232 0.97 -4.28 -25.92
CA ASN C 232 1.44 -2.91 -25.94
C ASN C 232 0.48 -1.92 -26.62
N ALA C 233 0.11 -2.23 -27.86
CA ALA C 233 -0.77 -1.35 -28.62
C ALA C 233 -2.12 -1.13 -27.96
N VAL C 234 -2.78 -2.22 -27.54
CA VAL C 234 -4.08 -2.11 -26.91
C VAL C 234 -4.01 -1.18 -25.70
N ASN C 235 -2.95 -1.34 -24.91
CA ASN C 235 -2.75 -0.52 -23.72
C ASN C 235 -2.74 0.97 -24.09
N LEU C 236 -1.98 1.33 -25.12
CA LEU C 236 -1.91 2.73 -25.53
C LEU C 236 -3.23 3.18 -26.13
N ALA C 237 -3.93 2.26 -26.81
CA ALA C 237 -5.22 2.57 -27.40
C ALA C 237 -6.23 2.94 -26.31
N VAL C 238 -6.23 2.17 -25.22
CA VAL C 238 -7.14 2.41 -24.11
C VAL C 238 -6.90 3.80 -23.52
N LEU C 239 -5.64 4.14 -23.27
CA LEU C 239 -5.30 5.44 -22.72
C LEU C 239 -5.78 6.55 -23.65
N LYS C 240 -5.49 6.40 -24.95
CA LYS C 240 -5.90 7.39 -25.93
C LYS C 240 -7.42 7.59 -25.91
N LEU C 241 -8.17 6.49 -25.91
CA LEU C 241 -9.62 6.55 -25.89
C LEU C 241 -10.18 7.22 -24.64
N ASN C 242 -9.54 6.98 -23.49
CA ASN C 242 -10.01 7.60 -22.26
C ASN C 242 -9.79 9.10 -22.34
N GLU C 243 -8.62 9.50 -22.82
CA GLU C 243 -8.27 10.92 -22.92
C GLU C 243 -9.07 11.65 -23.98
N GLN C 244 -9.60 10.92 -24.96
CA GLN C 244 -10.39 11.51 -26.03
C GLN C 244 -11.84 11.72 -25.56
N GLY C 245 -12.18 11.12 -24.43
CA GLY C 245 -13.53 11.25 -23.90
C GLY C 245 -14.47 10.15 -24.34
N LEU C 246 -14.00 9.27 -25.21
CA LEU C 246 -14.82 8.16 -25.72
C LEU C 246 -15.37 7.25 -24.61
N LEU C 247 -14.50 6.83 -23.70
CA LEU C 247 -14.94 5.95 -22.61
C LEU C 247 -16.06 6.59 -21.81
N ASP C 248 -15.95 7.90 -21.56
CA ASP C 248 -17.00 8.58 -20.81
C ASP C 248 -18.24 8.64 -21.70
N LYS C 249 -18.04 8.90 -22.99
CA LYS C 249 -19.14 8.96 -23.93
C LYS C 249 -19.93 7.66 -23.90
N LEU C 250 -19.21 6.53 -24.00
CA LEU C 250 -19.84 5.21 -23.99
C LEU C 250 -20.54 4.90 -22.68
N LYS C 251 -19.97 5.36 -21.58
CA LYS C 251 -20.57 5.13 -20.27
C LYS C 251 -21.94 5.79 -20.17
N ASN C 252 -22.02 7.04 -20.60
CA ASN C 252 -23.29 7.76 -20.55
C ASN C 252 -24.30 7.15 -21.51
N LYS C 253 -23.83 6.73 -22.67
CA LYS C 253 -24.68 6.12 -23.69
C LYS C 253 -25.39 4.84 -23.22
N TRP C 254 -24.65 3.94 -22.57
CA TRP C 254 -25.23 2.68 -22.13
C TRP C 254 -25.79 2.62 -20.71
N TRP C 255 -25.48 3.60 -19.88
CA TRP C 255 -25.95 3.60 -18.50
C TRP C 255 -27.13 4.52 -18.21
N TYR C 256 -27.04 5.76 -18.65
CA TYR C 256 -28.09 6.73 -18.36
C TYR C 256 -28.94 7.20 -19.54
N ASP C 257 -28.38 7.23 -20.74
CA ASP C 257 -29.17 7.64 -21.90
C ASP C 257 -30.23 6.59 -22.14
N LYS C 258 -29.96 5.37 -21.72
CA LYS C 258 -30.92 4.29 -21.89
C LYS C 258 -31.62 3.92 -20.60
N GLY C 259 -31.33 4.66 -19.53
CA GLY C 259 -31.94 4.41 -18.24
C GLY C 259 -33.45 4.58 -18.29
N GLU C 260 -34.18 3.65 -17.66
CA GLU C 260 -35.64 3.68 -17.65
C GLU C 260 -36.25 3.95 -16.28
N CYS C 261 -35.48 4.54 -15.38
CA CYS C 261 -35.97 4.86 -14.04
C CYS C 261 -35.63 6.31 -13.73
ZN ZN D . 3.79 -4.75 3.69
ZN ZN E . 34.09 11.16 28.42
ZN ZN F . 35.55 -8.73 38.52
ZN ZN G . -11.97 -28.89 -8.98
ZN ZN H . -11.84 6.50 -32.32
#